data_7KN6
#
_entry.id   7KN6
#
_cell.length_a   187.357
_cell.length_b   90.146
_cell.length_c   57.261
_cell.angle_alpha   90.000
_cell.angle_beta   104.363
_cell.angle_gamma   90.000
#
_symmetry.space_group_name_H-M   'C 1 2 1'
#
loop_
_entity.id
_entity.type
_entity.pdbx_description
1 polymer 'Spike protein S1'
2 polymer 'VHH V'
3 polymer 'CC12.3 Fab heavy chain'
4 polymer 'CC12.3 Fab light chain'
5 non-polymer 2-acetamido-2-deoxy-beta-D-glucopyranose
#
loop_
_entity_poly.entity_id
_entity_poly.type
_entity_poly.pdbx_seq_one_letter_code
_entity_poly.pdbx_strand_id
1 'polypeptide(L)'
;RVQPTESIVRFPNITNLCPFGEVFNATRFASVYAWNRKRISNCVADYSVLYNSASFSTFKCYGVSPTKLNDLCFTNVYAD
SFVIRGDEVRQIAPGQTGKIADYNYKLPDDFTGCVIAWNSNNLDSKVGGNYNYLYRLFRKSNLKPFERDISTEIYQAGST
PCNGVEGFNCYFPLQSYGFQPTNGVGYQPYRVVVLSFELLHAPATVCGPKKSTNLVKNKCVNFSGHHHHHH
;
A
2 'polypeptide(L)'
;QVQLVETGGGLVQPGGSLRLSCAASGFTFSSYAMGWARQVPGKGLEWVSYIYSDGSTEYQDSVKGRFTISRDNAKSTVYL
QMNSLKPEDTAVYYCATEGSLGGWGRDFGSWGQGTQVTVSSGGLPETGGHHHHHH
;
C
3 'polypeptide(L)'
;QVQLVESGGGLIQPGGSLRLSCAASGFTVSSNYMSWVRQAPGKGLEWVSVIYSGGSTFYADSVKGRFTISRDNSKSTLYL
QMNSLRVEDTAVYYCARDFGDFYFDYWGQGTLVTVSSASTKGPSVFPLAPSSKSTSGGTAALGCLVKDYFPEPVTVSWNS
GALTSGVHTFPAVLQSSGLYSLSSVVTVPSSSLGTQTYICNVNHKPSNTKVDKKVEPKSC
;
H
4 'polypeptide(L)'
;EIVLTQSPGTLSLSPGERATLSCRASQSVSSYLAWYQQKPGQAPRLLIYGASSRATGIPDRFSGSGSGTDFTLTISRLEP
EDFAVYYCQQYGSSPRTFGQGTKLEIKRTVAAPSVFIFPPSDEQLKSGTASVVCLLNNFYPREAKVQWKVDNALQSGNSQ
ESVTEQDSKDSTYSLSSTLTLSKADYEKHKVYACEVTHQGLSSPVTKSFNRGEC
;
L
#
loop_
_chem_comp.id
_chem_comp.type
_chem_comp.name
_chem_comp.formula
NAG D-saccharide, beta linking 2-acetamido-2-deoxy-beta-D-glucopyranose 'C8 H15 N O6'
#
# COMPACT_ATOMS: atom_id res chain seq x y z
N ASN A 16 -17.27 -18.21 49.98
CA ASN A 16 -15.88 -18.21 49.53
C ASN A 16 -15.69 -17.29 48.33
N LEU A 17 -14.82 -16.28 48.49
CA LEU A 17 -14.55 -15.35 47.41
C LEU A 17 -13.72 -16.02 46.31
N CYS A 18 -13.94 -15.58 45.06
CA CYS A 18 -13.49 -16.27 43.87
C CYS A 18 -12.07 -15.84 43.50
N PRO A 19 -11.20 -16.80 43.00
CA PRO A 19 -9.76 -16.54 42.82
C PRO A 19 -9.41 -15.73 41.57
N PHE A 20 -10.08 -14.59 41.38
CA PHE A 20 -9.80 -13.79 40.20
C PHE A 20 -8.39 -13.21 40.25
N GLY A 21 -7.93 -12.81 41.43
CA GLY A 21 -6.56 -12.32 41.56
C GLY A 21 -5.54 -13.31 41.03
N GLU A 22 -5.79 -14.61 41.24
CA GLU A 22 -4.93 -15.64 40.68
C GLU A 22 -4.89 -15.57 39.16
N VAL A 23 -5.99 -15.16 38.53
CA VAL A 23 -6.07 -15.13 37.08
C VAL A 23 -5.49 -13.81 36.54
N PHE A 24 -6.10 -12.69 36.94
CA PHE A 24 -5.74 -11.39 36.40
C PHE A 24 -4.33 -10.98 36.80
N ASN A 25 -3.98 -11.17 38.06
CA ASN A 25 -2.72 -10.69 38.61
C ASN A 25 -1.62 -11.76 38.58
N ALA A 26 -1.81 -12.83 37.81
CA ALA A 26 -0.80 -13.90 37.73
C ALA A 26 0.51 -13.35 37.17
N THR A 27 1.61 -14.03 37.50
CA THR A 27 2.94 -13.52 37.16
C THR A 27 3.30 -13.83 35.72
N ARG A 28 3.12 -15.07 35.28
CA ARG A 28 3.36 -15.48 33.91
C ARG A 28 2.05 -15.66 33.16
N PHE A 29 2.02 -15.22 31.91
CA PHE A 29 0.87 -15.38 31.02
C PHE A 29 1.24 -16.24 29.82
N ALA A 30 0.27 -17.02 29.36
CA ALA A 30 0.49 -17.92 28.24
C ALA A 30 0.48 -17.17 26.91
N SER A 31 1.10 -17.80 25.90
CA SER A 31 1.01 -17.33 24.53
C SER A 31 -0.27 -17.85 23.88
N VAL A 32 -0.74 -17.11 22.86
CA VAL A 32 -2.08 -17.30 22.32
C VAL A 32 -2.28 -18.74 21.86
N TYR A 33 -1.30 -19.27 21.13
CA TYR A 33 -1.45 -20.61 20.58
C TYR A 33 -1.62 -21.66 21.67
N ALA A 34 -0.99 -21.43 22.83
CA ALA A 34 -1.12 -22.34 23.97
C ALA A 34 -1.86 -21.65 25.11
N TRP A 35 -3.06 -21.14 24.83
CA TRP A 35 -3.76 -20.30 25.80
C TRP A 35 -4.11 -21.07 27.07
N ASN A 36 -4.32 -20.33 28.15
CA ASN A 36 -4.56 -20.93 29.44
C ASN A 36 -6.05 -20.95 29.75
N ARG A 37 -6.48 -21.91 30.56
CA ARG A 37 -7.89 -22.16 30.81
C ARG A 37 -8.02 -22.66 32.25
N LYS A 38 -8.60 -21.83 33.12
CA LYS A 38 -8.78 -22.17 34.53
C LYS A 38 -10.25 -22.22 34.87
N ARG A 39 -10.63 -23.21 35.67
CA ARG A 39 -12.02 -23.38 36.06
C ARG A 39 -12.38 -22.47 37.23
N ILE A 40 -13.62 -22.03 37.25
CA ILE A 40 -14.17 -21.16 38.28
C ILE A 40 -15.41 -21.85 38.82
N SER A 41 -15.39 -22.23 40.10
CA SER A 41 -16.50 -23.01 40.62
C SER A 41 -16.69 -22.78 42.12
N ASN A 42 -17.95 -22.83 42.54
CA ASN A 42 -18.35 -22.77 43.95
C ASN A 42 -17.75 -21.55 44.64
N CYS A 43 -18.11 -20.37 44.14
CA CYS A 43 -17.55 -19.12 44.62
C CYS A 43 -18.54 -17.99 44.36
N VAL A 44 -18.28 -16.87 45.02
CA VAL A 44 -19.02 -15.63 44.79
C VAL A 44 -18.01 -14.57 44.38
N ALA A 45 -18.38 -13.75 43.40
CA ALA A 45 -17.46 -12.78 42.82
C ALA A 45 -18.17 -11.46 42.60
N ASP A 46 -17.47 -10.36 42.86
CA ASP A 46 -17.97 -9.01 42.64
C ASP A 46 -17.40 -8.49 41.32
N TYR A 47 -18.25 -8.43 40.29
CA TYR A 47 -17.81 -8.01 38.97
C TYR A 47 -17.78 -6.51 38.80
N SER A 48 -18.48 -5.76 39.65
CA SER A 48 -18.47 -4.31 39.52
C SER A 48 -17.13 -3.70 39.91
N VAL A 49 -16.43 -4.29 40.89
CA VAL A 49 -15.07 -3.87 41.18
C VAL A 49 -14.20 -4.02 39.95
N LEU A 50 -14.26 -5.20 39.32
CA LEU A 50 -13.50 -5.45 38.10
C LEU A 50 -13.84 -4.45 37.02
N TYR A 51 -15.13 -4.24 36.77
CA TYR A 51 -15.56 -3.38 35.67
C TYR A 51 -15.05 -1.95 35.82
N ASN A 52 -14.71 -1.53 37.03
CA ASN A 52 -14.26 -0.17 37.28
C ASN A 52 -12.75 -0.02 37.22
N SER A 53 -12.02 -1.13 37.07
CA SER A 53 -10.57 -1.04 36.95
C SER A 53 -10.19 -0.11 35.81
N ALA A 54 -9.22 0.77 36.08
CA ALA A 54 -8.70 1.62 35.03
C ALA A 54 -7.92 0.84 33.97
N SER A 55 -7.47 -0.37 34.31
CA SER A 55 -6.61 -1.12 33.39
C SER A 55 -7.41 -1.64 32.19
N PHE A 56 -8.68 -1.98 32.40
CA PHE A 56 -9.45 -2.77 31.44
C PHE A 56 -10.00 -1.88 30.33
N SER A 57 -9.14 -1.59 29.35
CA SER A 57 -9.59 -0.91 28.15
C SER A 57 -10.78 -1.63 27.54
N THR A 58 -10.68 -2.95 27.37
CA THR A 58 -11.80 -3.72 26.88
C THR A 58 -12.41 -4.51 28.02
N PHE A 59 -13.74 -4.43 28.16
CA PHE A 59 -14.51 -5.19 29.15
C PHE A 59 -15.92 -5.24 28.56
N LYS A 60 -16.13 -6.17 27.64
CA LYS A 60 -17.37 -6.22 26.88
C LYS A 60 -17.94 -7.63 26.95
N CYS A 61 -19.22 -7.73 27.25
CA CYS A 61 -19.90 -9.00 27.44
C CYS A 61 -20.92 -9.27 26.34
N TYR A 62 -21.21 -10.55 26.16
CA TYR A 62 -22.12 -11.06 25.14
C TYR A 62 -23.12 -11.98 25.82
N GLY A 63 -24.40 -11.64 25.68
CA GLY A 63 -25.46 -12.38 26.35
C GLY A 63 -25.91 -11.66 27.61
N VAL A 64 -24.98 -11.38 28.50
CA VAL A 64 -25.25 -10.61 29.69
C VAL A 64 -24.64 -9.22 29.51
N SER A 65 -24.97 -8.32 30.42
CA SER A 65 -24.34 -7.02 30.42
C SER A 65 -23.48 -6.87 31.68
N PRO A 66 -22.34 -6.19 31.59
CA PRO A 66 -21.48 -6.07 32.78
C PRO A 66 -22.21 -5.53 33.99
N THR A 67 -23.22 -4.68 33.77
CA THR A 67 -23.94 -4.08 34.88
C THR A 67 -24.69 -5.13 35.70
N LYS A 68 -25.31 -6.10 35.04
CA LYS A 68 -26.15 -7.09 35.69
C LYS A 68 -25.41 -8.40 36.01
N LEU A 69 -24.07 -8.37 36.05
CA LEU A 69 -23.31 -9.59 36.31
C LEU A 69 -23.52 -10.06 37.75
N ASN A 70 -23.62 -9.13 38.70
CA ASN A 70 -23.71 -9.52 40.10
C ASN A 70 -25.04 -10.18 40.43
N ASP A 71 -26.08 -9.87 39.67
CA ASP A 71 -27.42 -10.38 39.94
C ASP A 71 -27.71 -11.72 39.28
N LEU A 72 -26.71 -12.36 38.67
CA LEU A 72 -26.91 -13.59 37.92
C LEU A 72 -26.10 -14.72 38.55
N CYS A 73 -26.40 -15.96 38.16
CA CYS A 73 -25.39 -17.01 38.30
C CYS A 73 -25.43 -18.10 37.24
N PHE A 74 -24.26 -18.74 37.13
CA PHE A 74 -23.81 -19.53 36.01
C PHE A 74 -23.50 -20.94 36.48
N THR A 75 -23.79 -21.91 35.63
CA THR A 75 -23.60 -23.31 35.99
C THR A 75 -22.12 -23.64 36.15
N ASN A 76 -21.28 -23.11 35.24
CA ASN A 76 -19.85 -23.31 35.31
C ASN A 76 -19.19 -22.20 34.51
N VAL A 77 -18.05 -21.71 35.01
CA VAL A 77 -17.36 -20.58 34.43
C VAL A 77 -15.92 -20.98 34.11
N TYR A 78 -15.43 -20.52 32.95
CA TYR A 78 -14.05 -20.72 32.55
C TYR A 78 -13.37 -19.38 32.33
N ALA A 79 -12.13 -19.26 32.79
CA ALA A 79 -11.31 -18.09 32.54
C ALA A 79 -10.15 -18.51 31.64
N ASP A 80 -10.21 -18.12 30.38
CA ASP A 80 -9.11 -18.33 29.46
C ASP A 80 -8.26 -17.07 29.43
N SER A 81 -6.95 -17.23 29.29
CA SER A 81 -6.06 -16.08 29.39
C SER A 81 -4.86 -16.26 28.48
N PHE A 82 -4.42 -15.16 27.88
CA PHE A 82 -3.32 -15.16 26.93
C PHE A 82 -2.89 -13.71 26.66
N VAL A 83 -1.92 -13.56 25.76
CA VAL A 83 -1.33 -12.25 25.45
C VAL A 83 -1.27 -12.09 23.93
N ILE A 84 -1.99 -11.10 23.41
CA ILE A 84 -1.92 -10.76 21.99
C ILE A 84 -1.41 -9.33 21.88
N ARG A 85 -1.53 -8.72 20.71
CA ARG A 85 -1.15 -7.32 20.61
C ARG A 85 -2.39 -6.45 20.39
N GLY A 86 -2.26 -5.17 20.77
CA GLY A 86 -3.41 -4.33 20.98
C GLY A 86 -4.42 -4.33 19.85
N ASP A 87 -3.93 -4.24 18.61
CA ASP A 87 -4.84 -4.20 17.48
C ASP A 87 -5.35 -5.57 17.07
N GLU A 88 -4.98 -6.62 17.78
CA GLU A 88 -5.59 -7.94 17.58
C GLU A 88 -6.67 -8.25 18.60
N VAL A 89 -6.84 -7.41 19.62
CA VAL A 89 -7.89 -7.62 20.62
C VAL A 89 -9.26 -7.67 19.96
N ARG A 90 -9.44 -6.96 18.84
CA ARG A 90 -10.74 -6.96 18.19
C ARG A 90 -11.07 -8.30 17.53
N GLN A 91 -10.08 -9.20 17.36
CA GLN A 91 -10.39 -10.54 16.87
C GLN A 91 -10.98 -11.43 17.94
N ILE A 92 -10.78 -11.12 19.22
CA ILE A 92 -11.31 -11.95 20.30
C ILE A 92 -12.75 -11.53 20.55
N ALA A 93 -13.63 -11.92 19.64
CA ALA A 93 -15.04 -11.54 19.64
C ALA A 93 -15.78 -12.41 18.64
N PRO A 94 -17.07 -12.68 18.84
CA PRO A 94 -17.77 -13.61 17.95
C PRO A 94 -17.83 -13.08 16.53
N GLY A 95 -17.70 -14.01 15.57
CA GLY A 95 -17.83 -13.69 14.16
C GLY A 95 -16.62 -13.04 13.52
N GLN A 96 -15.49 -12.96 14.21
CA GLN A 96 -14.32 -12.27 13.70
C GLN A 96 -13.41 -13.21 12.92
N THR A 97 -12.53 -12.62 12.12
CA THR A 97 -11.52 -13.38 11.38
C THR A 97 -10.19 -12.64 11.44
N GLY A 98 -9.15 -13.36 11.11
CA GLY A 98 -7.78 -12.90 11.29
C GLY A 98 -6.91 -14.04 11.77
N LYS A 99 -5.60 -13.77 11.81
CA LYS A 99 -4.67 -14.81 12.24
C LYS A 99 -5.01 -15.32 13.63
N ILE A 100 -5.27 -14.41 14.57
CA ILE A 100 -5.57 -14.82 15.94
C ILE A 100 -6.89 -15.59 16.01
N ALA A 101 -7.95 -15.02 15.42
CA ALA A 101 -9.25 -15.67 15.47
C ALA A 101 -9.27 -16.98 14.69
N ASP A 102 -8.47 -17.09 13.63
CA ASP A 102 -8.52 -18.28 12.79
C ASP A 102 -7.63 -19.39 13.34
N TYR A 103 -6.44 -19.06 13.85
CA TYR A 103 -5.40 -20.05 14.11
C TYR A 103 -4.93 -20.13 15.55
N ASN A 104 -5.48 -19.33 16.47
CA ASN A 104 -4.94 -19.28 17.82
C ASN A 104 -6.03 -19.42 18.88
N TYR A 105 -7.00 -18.51 18.87
CA TYR A 105 -8.10 -18.55 19.83
C TYR A 105 -9.38 -18.14 19.13
N LYS A 106 -10.40 -19.00 19.20
CA LYS A 106 -11.65 -18.82 18.47
C LYS A 106 -12.81 -18.82 19.43
N LEU A 107 -13.63 -17.75 19.36
CA LEU A 107 -14.91 -17.72 20.05
C LEU A 107 -16.02 -18.20 19.13
N PRO A 108 -17.02 -18.90 19.67
CA PRO A 108 -18.16 -19.29 18.84
C PRO A 108 -19.03 -18.10 18.51
N ASP A 109 -19.90 -18.29 17.52
CA ASP A 109 -20.82 -17.22 17.12
C ASP A 109 -21.89 -16.98 18.19
N ASP A 110 -22.23 -18.01 18.96
CA ASP A 110 -23.24 -17.90 20.03
C ASP A 110 -22.60 -17.68 21.39
N PHE A 111 -21.42 -17.06 21.43
CA PHE A 111 -20.68 -16.92 22.67
C PHE A 111 -21.47 -16.12 23.69
N THR A 112 -21.55 -16.65 24.91
CA THR A 112 -22.10 -15.94 26.06
C THR A 112 -21.02 -15.90 27.13
N GLY A 113 -20.58 -14.69 27.46
CA GLY A 113 -19.47 -14.50 28.37
C GLY A 113 -18.97 -13.07 28.28
N CYS A 114 -17.69 -12.88 28.59
CA CYS A 114 -17.09 -11.56 28.58
C CYS A 114 -15.65 -11.63 28.09
N VAL A 115 -15.22 -10.59 27.37
CA VAL A 115 -13.84 -10.42 26.95
C VAL A 115 -13.28 -9.21 27.71
N ILE A 116 -12.11 -9.39 28.31
CA ILE A 116 -11.45 -8.37 29.13
C ILE A 116 -10.01 -8.25 28.66
N ALA A 117 -9.56 -7.03 28.42
CA ALA A 117 -8.20 -6.80 27.93
C ALA A 117 -7.65 -5.52 28.55
N TRP A 118 -6.41 -5.63 29.04
CA TRP A 118 -5.65 -4.50 29.55
C TRP A 118 -4.25 -4.47 28.93
N ASN A 119 -3.77 -3.26 28.71
CA ASN A 119 -2.42 -3.06 28.19
C ASN A 119 -1.39 -3.46 29.23
N SER A 120 -0.38 -4.19 28.78
CA SER A 120 0.68 -4.71 29.63
C SER A 120 2.05 -4.35 29.08
N ASN A 121 2.19 -3.11 28.61
CA ASN A 121 3.43 -2.70 27.95
C ASN A 121 4.63 -2.79 28.89
N ASN A 122 4.43 -2.54 30.18
CA ASN A 122 5.55 -2.51 31.11
C ASN A 122 5.98 -3.93 31.52
N LEU A 123 5.06 -4.88 31.56
CA LEU A 123 5.41 -6.22 32.01
C LEU A 123 5.90 -7.10 30.86
N ASP A 124 5.36 -6.90 29.65
CA ASP A 124 5.53 -7.87 28.58
C ASP A 124 6.33 -7.36 27.38
N SER A 125 6.78 -6.12 27.40
CA SER A 125 7.69 -5.62 26.38
C SER A 125 9.11 -5.51 26.94
N LYS A 126 10.04 -5.27 26.04
CA LYS A 126 11.48 -5.38 26.32
C LYS A 126 12.19 -4.64 25.19
N VAL A 127 13.16 -3.79 25.53
CA VAL A 127 13.66 -2.80 24.57
C VAL A 127 14.27 -3.47 23.35
N GLY A 128 15.01 -4.56 23.57
CA GLY A 128 15.51 -5.32 22.43
C GLY A 128 14.45 -6.13 21.71
N GLY A 129 13.28 -6.27 22.31
CA GLY A 129 12.20 -7.13 21.84
C GLY A 129 12.01 -8.24 22.86
N ASN A 130 10.75 -8.60 23.09
CA ASN A 130 10.41 -9.74 23.94
C ASN A 130 9.89 -10.84 23.03
N TYR A 131 10.70 -11.88 22.82
CA TYR A 131 10.39 -12.94 21.89
C TYR A 131 9.80 -14.17 22.57
N ASN A 132 9.45 -14.07 23.85
CA ASN A 132 8.88 -15.20 24.57
C ASN A 132 7.43 -15.46 24.20
N TYR A 133 6.72 -14.45 23.68
CA TYR A 133 5.33 -14.60 23.31
C TYR A 133 5.21 -15.00 21.85
N LEU A 134 4.43 -16.04 21.57
CA LEU A 134 4.32 -16.62 20.24
C LEU A 134 2.86 -16.68 19.82
N TYR A 135 2.67 -16.86 18.51
CA TYR A 135 1.36 -17.09 17.92
C TYR A 135 1.55 -17.99 16.70
N ARG A 136 0.51 -18.73 16.35
CA ARG A 136 0.58 -19.60 15.19
C ARG A 136 0.30 -18.79 13.93
N LEU A 137 1.24 -18.84 12.97
CA LEU A 137 1.09 -18.16 11.69
C LEU A 137 0.41 -19.03 10.65
N PHE A 138 0.79 -20.31 10.57
CA PHE A 138 0.35 -21.22 9.51
C PHE A 138 -0.52 -22.35 10.04
N ARG A 139 -1.63 -22.60 9.36
CA ARG A 139 -2.48 -23.75 9.64
C ARG A 139 -3.38 -23.96 8.43
N LYS A 140 -3.52 -25.21 7.99
CA LYS A 140 -4.24 -25.49 6.75
C LYS A 140 -5.73 -25.16 6.84
N SER A 141 -6.28 -25.10 8.05
CA SER A 141 -7.70 -24.81 8.24
C SER A 141 -7.88 -24.12 9.59
N ASN A 142 -9.06 -23.53 9.77
CA ASN A 142 -9.30 -22.71 10.95
C ASN A 142 -9.50 -23.58 12.20
N LEU A 143 -9.30 -22.95 13.35
CA LEU A 143 -9.61 -23.60 14.62
C LEU A 143 -11.12 -23.59 14.86
N LYS A 144 -11.62 -24.67 15.46
CA LYS A 144 -12.97 -24.70 15.96
C LYS A 144 -13.05 -23.84 17.23
N PRO A 145 -14.25 -23.49 17.70
CA PRO A 145 -14.34 -22.65 18.91
C PRO A 145 -13.77 -23.38 20.12
N PHE A 146 -12.97 -22.65 20.90
CA PHE A 146 -12.32 -23.18 22.10
C PHE A 146 -11.38 -24.34 21.80
N GLU A 147 -10.78 -24.35 20.61
CA GLU A 147 -9.75 -25.32 20.29
C GLU A 147 -8.37 -24.75 20.63
N ARG A 148 -7.50 -25.60 21.16
CA ARG A 148 -6.11 -25.25 21.42
C ARG A 148 -5.23 -26.18 20.61
N ASP A 149 -4.52 -25.63 19.64
CA ASP A 149 -3.55 -26.38 18.84
C ASP A 149 -2.16 -25.96 19.31
N ILE A 150 -1.38 -26.93 19.78
CA ILE A 150 -0.04 -26.67 20.27
C ILE A 150 1.01 -27.42 19.47
N SER A 151 0.66 -27.83 18.24
CA SER A 151 1.60 -28.56 17.41
C SER A 151 2.77 -27.67 17.01
N THR A 152 3.98 -28.22 17.14
CA THR A 152 5.19 -27.55 16.70
C THR A 152 5.72 -28.11 15.39
N GLU A 153 4.92 -28.96 14.72
CA GLU A 153 5.35 -29.64 13.51
C GLU A 153 5.64 -28.64 12.40
N ILE A 154 6.78 -28.82 11.72
CA ILE A 154 7.11 -27.98 10.58
C ILE A 154 5.96 -28.02 9.59
N TYR A 155 5.61 -26.85 9.06
CA TYR A 155 4.43 -26.68 8.23
C TYR A 155 4.79 -26.98 6.78
N GLN A 156 4.06 -27.91 6.17
CA GLN A 156 4.37 -28.37 4.82
C GLN A 156 3.59 -27.53 3.82
N ALA A 157 4.27 -26.53 3.24
CA ALA A 157 3.64 -25.62 2.28
C ALA A 157 3.72 -26.12 0.85
N GLY A 158 4.53 -27.14 0.58
CA GLY A 158 4.61 -27.72 -0.74
C GLY A 158 4.25 -29.19 -0.72
N SER A 159 4.41 -29.87 -1.86
CA SER A 159 4.03 -31.28 -1.97
C SER A 159 5.09 -32.20 -1.36
N THR A 160 6.33 -31.74 -1.25
CA THR A 160 7.37 -32.60 -0.67
C THR A 160 7.37 -32.47 0.85
N PRO A 161 7.53 -33.57 1.59
CA PRO A 161 7.57 -33.49 3.05
C PRO A 161 8.77 -32.70 3.55
N CYS A 162 8.68 -32.29 4.81
CA CYS A 162 9.68 -31.42 5.41
C CYS A 162 10.65 -32.13 6.34
N ASN A 163 10.27 -33.28 6.90
CA ASN A 163 11.20 -34.13 7.64
C ASN A 163 11.89 -33.37 8.78
N GLY A 164 11.11 -32.58 9.49
CA GLY A 164 11.57 -31.91 10.70
C GLY A 164 12.61 -30.82 10.49
N VAL A 165 12.81 -30.39 9.25
CA VAL A 165 13.80 -29.36 8.93
C VAL A 165 13.09 -28.26 8.15
N GLU A 166 13.08 -27.05 8.70
CA GLU A 166 12.52 -25.92 8.00
C GLU A 166 13.41 -25.51 6.84
N GLY A 167 12.79 -25.03 5.77
CA GLY A 167 13.51 -24.65 4.57
C GLY A 167 12.55 -24.14 3.51
N PHE A 168 12.91 -24.29 2.24
CA PHE A 168 12.02 -23.86 1.17
C PHE A 168 10.70 -24.63 1.23
N ASN A 169 9.59 -23.90 1.34
CA ASN A 169 8.24 -24.43 1.45
C ASN A 169 8.01 -25.21 2.74
N CYS A 170 8.86 -24.98 3.75
CA CYS A 170 8.81 -25.72 5.01
C CYS A 170 9.07 -24.72 6.13
N TYR A 171 8.00 -24.31 6.83
CA TYR A 171 8.06 -23.18 7.73
C TYR A 171 7.77 -23.61 9.16
N PHE A 172 8.35 -22.90 10.11
CA PHE A 172 7.95 -23.07 11.49
C PHE A 172 6.57 -22.46 11.69
N PRO A 173 5.61 -23.20 12.22
CA PRO A 173 4.24 -22.69 12.29
C PRO A 173 4.04 -21.59 13.30
N LEU A 174 4.98 -21.43 14.24
CA LEU A 174 4.87 -20.43 15.31
C LEU A 174 5.83 -19.28 15.02
N GLN A 175 5.31 -18.06 15.04
CA GLN A 175 6.09 -16.85 14.96
C GLN A 175 6.06 -16.14 16.31
N SER A 176 7.03 -15.25 16.53
CA SER A 176 7.14 -14.55 17.80
C SER A 176 6.81 -13.06 17.62
N TYR A 177 6.04 -12.53 18.55
CA TYR A 177 5.85 -11.08 18.62
C TYR A 177 7.17 -10.41 18.97
N GLY A 178 7.33 -9.18 18.50
CA GLY A 178 8.49 -8.40 18.87
C GLY A 178 8.34 -7.81 20.26
N PHE A 179 7.24 -7.10 20.47
CA PHE A 179 6.89 -6.47 21.74
C PHE A 179 8.03 -5.60 22.27
N GLN A 180 8.15 -4.43 21.71
CA GLN A 180 8.96 -3.35 22.23
C GLN A 180 8.03 -2.27 22.79
N PRO A 181 8.43 -1.59 23.86
CA PRO A 181 7.53 -0.58 24.45
C PRO A 181 7.37 0.68 23.62
N THR A 182 8.28 0.93 22.67
CA THR A 182 8.30 2.18 21.95
C THR A 182 7.43 2.19 20.69
N ASN A 183 6.84 1.05 20.33
CA ASN A 183 5.98 1.02 19.16
C ASN A 183 4.62 1.63 19.50
N GLY A 184 3.79 1.80 18.48
CA GLY A 184 2.45 2.31 18.68
C GLY A 184 1.63 1.43 19.59
N VAL A 185 0.48 1.96 20.02
CA VAL A 185 -0.34 1.25 20.99
C VAL A 185 -0.89 -0.04 20.39
N GLY A 186 -1.15 -0.05 19.08
CA GLY A 186 -1.60 -1.27 18.44
C GLY A 186 -0.55 -2.37 18.45
N TYR A 187 0.73 -2.00 18.50
CA TYR A 187 1.81 -2.98 18.58
C TYR A 187 2.07 -3.44 20.02
N GLN A 188 1.48 -2.81 21.00
CA GLN A 188 1.85 -3.11 22.37
C GLN A 188 1.16 -4.38 22.85
N PRO A 189 1.76 -5.09 23.81
CA PRO A 189 1.14 -6.32 24.31
C PRO A 189 -0.10 -5.99 25.13
N TYR A 190 -1.15 -6.78 24.91
CA TYR A 190 -2.35 -6.73 25.73
C TYR A 190 -2.60 -8.11 26.32
N ARG A 191 -2.87 -8.15 27.62
CA ARG A 191 -3.32 -9.35 28.27
C ARG A 191 -4.83 -9.45 28.15
N VAL A 192 -5.30 -10.67 27.89
CA VAL A 192 -6.72 -10.95 27.64
C VAL A 192 -7.17 -12.07 28.56
N VAL A 193 -8.36 -11.91 29.11
CA VAL A 193 -9.08 -12.91 29.89
C VAL A 193 -10.49 -13.03 29.33
N VAL A 194 -10.92 -14.26 29.05
CA VAL A 194 -12.23 -14.54 28.46
C VAL A 194 -12.99 -15.39 29.45
N LEU A 195 -14.07 -14.82 29.99
CA LEU A 195 -14.96 -15.53 30.90
C LEU A 195 -16.07 -16.19 30.11
N SER A 196 -16.15 -17.52 30.19
CA SER A 196 -17.19 -18.29 29.54
C SER A 196 -18.18 -18.74 30.61
N PHE A 197 -19.46 -18.44 30.40
CA PHE A 197 -20.54 -18.73 31.33
C PHE A 197 -21.46 -19.77 30.71
N GLU A 198 -21.79 -20.81 31.47
CA GLU A 198 -22.69 -21.85 31.00
C GLU A 198 -24.11 -21.30 30.79
N ALA A 204 -25.42 -24.89 40.00
CA ALA A 204 -24.96 -23.51 40.14
C ALA A 204 -23.59 -23.46 40.83
N THR A 205 -22.56 -23.04 40.10
CA THR A 205 -21.20 -23.00 40.66
C THR A 205 -20.89 -21.59 41.17
N VAL A 206 -20.77 -20.63 40.24
CA VAL A 206 -20.41 -19.26 40.56
C VAL A 206 -21.61 -18.36 40.33
N CYS A 207 -22.01 -17.66 41.39
CA CYS A 207 -23.10 -16.67 41.40
C CYS A 207 -22.54 -15.29 41.43
N GLN B 1 -7.62 2.01 6.91
CA GLN B 1 -9.07 1.85 6.84
C GLN B 1 -9.76 2.80 7.82
N VAL B 2 -10.02 2.28 9.02
CA VAL B 2 -10.46 3.13 10.12
C VAL B 2 -9.32 4.05 10.52
N GLN B 3 -9.59 5.35 10.58
CA GLN B 3 -8.56 6.32 10.92
C GLN B 3 -9.11 7.31 11.93
N LEU B 4 -8.33 7.53 13.00
CA LEU B 4 -8.72 8.39 14.12
C LEU B 4 -7.58 9.34 14.42
N VAL B 5 -7.82 10.64 14.28
CA VAL B 5 -6.79 11.65 14.47
C VAL B 5 -7.14 12.48 15.70
N GLU B 6 -6.22 12.52 16.68
CA GLU B 6 -6.36 13.34 17.87
C GLU B 6 -5.58 14.62 17.70
N THR B 7 -6.18 15.74 18.12
CA THR B 7 -5.41 16.97 18.30
C THR B 7 -5.86 17.64 19.60
N GLY B 8 -5.26 18.77 19.91
CA GLY B 8 -5.63 19.56 21.07
C GLY B 8 -4.66 19.52 22.22
N GLY B 9 -3.74 18.56 22.26
CA GLY B 9 -2.82 18.45 23.37
C GLY B 9 -1.85 19.61 23.44
N GLY B 10 -1.26 19.79 24.62
CA GLY B 10 -0.29 20.85 24.79
C GLY B 10 0.09 21.05 26.24
N LEU B 11 0.51 22.27 26.55
CA LEU B 11 0.92 22.64 27.90
C LEU B 11 -0.23 23.30 28.65
N VAL B 12 -0.46 22.88 29.89
CA VAL B 12 -1.41 23.53 30.79
C VAL B 12 -0.76 23.67 32.15
N GLN B 13 -1.05 24.74 32.82
CA GLN B 13 -0.63 24.89 34.20
C GLN B 13 -1.75 24.38 35.12
N PRO B 14 -1.38 23.83 36.28
CA PRO B 14 -2.37 23.15 37.14
C PRO B 14 -3.62 23.98 37.36
N GLY B 15 -4.78 23.31 37.26
CA GLY B 15 -6.08 23.93 37.36
C GLY B 15 -6.69 24.28 36.03
N GLY B 16 -5.88 24.60 35.03
CA GLY B 16 -6.39 24.93 33.71
C GLY B 16 -7.14 23.77 33.09
N SER B 17 -7.83 24.08 32.00
CA SER B 17 -8.62 23.11 31.27
C SER B 17 -8.02 22.88 29.89
N LEU B 18 -8.58 21.90 29.18
CA LEU B 18 -8.10 21.55 27.86
C LEU B 18 -9.17 20.73 27.14
N ARG B 19 -9.53 21.15 25.93
CA ARG B 19 -10.49 20.42 25.12
C ARG B 19 -9.74 19.59 24.09
N LEU B 20 -9.89 18.27 24.16
CA LEU B 20 -9.33 17.34 23.20
C LEU B 20 -10.39 16.92 22.20
N SER B 21 -10.02 16.88 20.92
CA SER B 21 -10.92 16.42 19.87
C SER B 21 -10.27 15.31 19.06
N CYS B 22 -11.11 14.41 18.57
CA CYS B 22 -10.69 13.26 17.77
C CYS B 22 -11.64 13.13 16.60
N ALA B 23 -11.07 13.14 15.39
CA ALA B 23 -11.80 13.05 14.15
C ALA B 23 -11.74 11.61 13.63
N ALA B 24 -12.90 11.07 13.26
CA ALA B 24 -13.04 9.68 12.86
C ALA B 24 -13.24 9.59 11.35
N SER B 25 -13.07 8.37 10.84
CA SER B 25 -13.04 8.13 9.41
C SER B 25 -13.04 6.63 9.18
N GLY B 26 -13.63 6.22 8.05
CA GLY B 26 -13.61 4.84 7.64
C GLY B 26 -14.68 3.94 8.22
N PHE B 27 -15.71 4.51 8.83
CA PHE B 27 -16.80 3.71 9.39
C PHE B 27 -17.97 4.64 9.71
N THR B 28 -19.16 4.03 9.85
CA THR B 28 -20.35 4.77 10.24
C THR B 28 -20.23 5.17 11.71
N PHE B 29 -19.63 6.33 11.95
CA PHE B 29 -19.39 6.81 13.31
C PHE B 29 -20.67 6.87 14.13
N SER B 30 -21.81 7.06 13.45
CA SER B 30 -23.09 7.07 14.14
C SER B 30 -23.33 5.80 14.96
N SER B 31 -22.87 4.65 14.49
CA SER B 31 -23.26 3.39 15.14
C SER B 31 -22.28 2.91 16.20
N TYR B 32 -21.02 3.33 16.12
CA TYR B 32 -19.99 2.85 17.02
C TYR B 32 -19.91 3.70 18.28
N ALA B 33 -19.48 3.06 19.36
CA ALA B 33 -19.09 3.77 20.56
C ALA B 33 -17.69 4.36 20.39
N MET B 34 -17.30 5.22 21.33
CA MET B 34 -16.02 5.91 21.29
C MET B 34 -15.43 5.90 22.70
N GLY B 35 -14.12 6.08 22.77
CA GLY B 35 -13.44 6.09 24.04
C GLY B 35 -12.21 6.97 24.02
N TRP B 36 -11.79 7.37 25.23
CA TRP B 36 -10.55 8.09 25.46
C TRP B 36 -9.79 7.35 26.56
N ALA B 37 -8.50 7.14 26.31
CA ALA B 37 -7.58 6.51 27.25
C ALA B 37 -6.32 7.35 27.34
N ARG B 38 -5.42 6.96 28.24
CA ARG B 38 -4.15 7.69 28.37
C ARG B 38 -3.07 6.74 28.85
N GLN B 39 -1.86 6.95 28.34
CA GLN B 39 -0.68 6.22 28.82
C GLN B 39 0.28 7.20 29.46
N VAL B 40 0.62 6.91 30.72
CA VAL B 40 1.75 7.50 31.45
C VAL B 40 3.00 6.79 30.96
N PRO B 41 4.12 7.48 30.78
CA PRO B 41 5.35 6.79 30.36
C PRO B 41 5.79 5.77 31.40
N GLY B 42 5.92 4.51 30.97
CA GLY B 42 6.30 3.44 31.85
C GLY B 42 5.16 2.79 32.60
N LYS B 43 3.96 3.35 32.53
CA LYS B 43 2.79 2.78 33.18
C LYS B 43 1.83 2.23 32.13
N GLY B 44 1.00 1.27 32.56
CA GLY B 44 0.06 0.67 31.65
C GLY B 44 -0.93 1.68 31.10
N LEU B 45 -1.33 1.46 29.86
CA LEU B 45 -2.38 2.27 29.27
C LEU B 45 -3.68 2.09 30.06
N GLU B 46 -4.35 3.20 30.32
CA GLU B 46 -5.54 3.20 31.15
C GLU B 46 -6.64 4.00 30.48
N TRP B 47 -7.87 3.53 30.60
CA TRP B 47 -9.00 4.23 30.00
C TRP B 47 -9.53 5.29 30.96
N VAL B 48 -10.00 6.40 30.39
CA VAL B 48 -10.52 7.51 31.18
C VAL B 48 -12.00 7.75 30.92
N SER B 49 -12.45 7.65 29.68
CA SER B 49 -13.85 7.97 29.42
C SER B 49 -14.37 7.15 28.24
N TYR B 50 -15.67 6.84 28.30
CA TYR B 50 -16.32 6.08 27.25
C TYR B 50 -17.69 6.67 26.95
N ILE B 51 -18.10 6.60 25.69
CA ILE B 51 -19.39 7.11 25.26
C ILE B 51 -19.98 6.12 24.25
N TYR B 52 -21.24 5.75 24.44
CA TYR B 52 -21.91 4.83 23.54
C TYR B 52 -22.61 5.59 22.43
N SER B 53 -23.16 4.83 21.47
CA SER B 53 -23.96 5.45 20.41
C SER B 53 -25.23 6.06 20.99
N ASP B 54 -25.77 5.44 22.04
CA ASP B 54 -26.95 5.93 22.75
C ASP B 54 -26.67 7.18 23.57
N GLY B 55 -25.44 7.70 23.54
CA GLY B 55 -25.08 8.82 24.36
C GLY B 55 -24.73 8.48 25.79
N SER B 56 -25.01 7.25 26.23
CA SER B 56 -24.62 6.81 27.56
C SER B 56 -23.11 6.88 27.72
N THR B 57 -22.66 7.33 28.88
CA THR B 57 -21.24 7.53 29.14
C THR B 57 -20.79 6.74 30.36
N GLU B 58 -19.49 6.49 30.40
CA GLU B 58 -18.79 6.01 31.59
C GLU B 58 -17.58 6.91 31.83
N TYR B 59 -17.35 7.25 33.09
CA TYR B 59 -16.14 7.93 33.51
C TYR B 59 -15.44 7.08 34.57
N GLN B 60 -14.15 6.89 34.40
CA GLN B 60 -13.36 6.15 35.37
C GLN B 60 -13.11 7.03 36.61
N ASP B 61 -13.08 6.39 37.78
CA ASP B 61 -13.21 7.13 39.03
C ASP B 61 -12.11 8.17 39.22
N SER B 62 -10.91 7.91 38.68
CA SER B 62 -9.81 8.84 38.88
C SER B 62 -9.97 10.13 38.08
N VAL B 63 -10.98 10.24 37.24
CA VAL B 63 -11.20 11.46 36.45
C VAL B 63 -12.65 11.90 36.62
N LYS B 64 -13.33 11.35 37.64
CA LYS B 64 -14.76 11.59 37.81
C LYS B 64 -15.04 13.06 38.13
N GLY B 65 -16.03 13.61 37.44
CA GLY B 65 -16.45 14.99 37.65
C GLY B 65 -15.63 15.99 36.85
N ARG B 66 -14.35 15.71 36.66
CA ARG B 66 -13.46 16.69 36.05
C ARG B 66 -13.46 16.58 34.54
N PHE B 67 -13.56 15.36 34.00
CA PHE B 67 -13.60 15.16 32.56
C PHE B 67 -15.05 15.08 32.08
N THR B 68 -15.24 15.36 30.80
CA THR B 68 -16.56 15.24 30.17
C THR B 68 -16.38 14.77 28.74
N ILE B 69 -16.91 13.60 28.42
CA ILE B 69 -16.83 13.04 27.07
C ILE B 69 -18.12 13.34 26.33
N SER B 70 -18.01 13.64 25.04
CA SER B 70 -19.19 14.02 24.25
C SER B 70 -18.90 13.72 22.79
N ARG B 71 -19.96 13.76 21.97
CA ARG B 71 -19.80 13.42 20.56
C ARG B 71 -20.70 14.27 19.69
N ASP B 72 -20.21 14.55 18.48
CA ASP B 72 -20.98 15.17 17.41
C ASP B 72 -20.95 14.20 16.23
N ASN B 73 -22.07 13.50 16.02
CA ASN B 73 -22.19 12.58 14.91
C ASN B 73 -22.19 13.30 13.57
N ALA B 74 -22.69 14.54 13.54
CA ALA B 74 -22.68 15.33 12.32
C ALA B 74 -21.29 15.40 11.71
N LYS B 75 -20.27 15.59 12.55
CA LYS B 75 -18.91 15.81 12.09
C LYS B 75 -17.99 14.63 12.41
N SER B 76 -18.56 13.47 12.75
CA SER B 76 -17.78 12.28 13.13
C SER B 76 -16.67 12.63 14.12
N THR B 77 -17.04 13.29 15.21
CA THR B 77 -16.02 13.77 16.13
C THR B 77 -16.39 13.45 17.57
N VAL B 78 -15.37 13.14 18.37
CA VAL B 78 -15.55 12.95 19.81
C VAL B 78 -14.67 13.95 20.56
N TYR B 79 -15.16 14.40 21.71
CA TYR B 79 -14.50 15.43 22.51
C TYR B 79 -14.33 14.97 23.95
N LEU B 80 -13.27 15.48 24.57
CA LEU B 80 -12.93 15.20 25.96
C LEU B 80 -12.56 16.53 26.60
N GLN B 81 -13.42 17.05 27.46
CA GLN B 81 -13.19 18.30 28.17
C GLN B 81 -12.52 17.98 29.49
N MET B 82 -11.27 18.43 29.65
CA MET B 82 -10.46 18.16 30.83
C MET B 82 -10.39 19.42 31.66
N ASN B 83 -11.21 19.50 32.70
CA ASN B 83 -11.13 20.59 33.65
C ASN B 83 -10.36 20.13 34.88
N SER B 84 -9.73 21.09 35.55
CA SER B 84 -9.04 20.85 36.82
C SER B 84 -7.94 19.79 36.65
N LEU B 85 -6.99 20.09 35.77
CA LEU B 85 -5.91 19.16 35.48
C LEU B 85 -4.81 19.25 36.53
N LYS B 86 -4.12 18.13 36.72
CA LYS B 86 -3.05 17.99 37.69
C LYS B 86 -1.85 17.31 37.04
N PRO B 87 -0.67 17.45 37.62
CA PRO B 87 0.49 16.70 37.10
C PRO B 87 0.29 15.20 37.08
N GLU B 88 -0.65 14.67 37.85
CA GLU B 88 -0.99 13.25 37.73
C GLU B 88 -1.62 12.93 36.38
N ASP B 89 -2.18 13.93 35.70
CA ASP B 89 -2.94 13.72 34.47
C ASP B 89 -2.12 13.90 33.21
N THR B 90 -0.82 14.21 33.32
CA THR B 90 0.02 14.39 32.14
C THR B 90 0.36 13.04 31.53
N ALA B 91 0.10 12.90 30.24
CA ALA B 91 0.26 11.61 29.57
C ALA B 91 0.02 11.82 28.09
N VAL B 92 0.12 10.74 27.33
CA VAL B 92 -0.31 10.76 25.94
C VAL B 92 -1.72 10.21 25.90
N TYR B 93 -2.67 11.01 25.41
CA TYR B 93 -4.07 10.64 25.37
C TYR B 93 -4.41 10.10 23.99
N TYR B 94 -5.16 9.00 23.99
CA TYR B 94 -5.55 8.28 22.79
C TYR B 94 -7.06 8.22 22.67
N CYS B 95 -7.53 8.24 21.42
CA CYS B 95 -8.92 8.09 21.08
C CYS B 95 -9.12 6.70 20.46
N ALA B 96 -10.31 6.12 20.67
CA ALA B 96 -10.52 4.74 20.25
C ALA B 96 -11.98 4.49 19.90
N THR B 97 -12.20 3.38 19.19
CA THR B 97 -13.51 2.94 18.74
C THR B 97 -13.70 1.47 19.08
N GLU B 98 -14.95 1.03 19.03
CA GLU B 98 -15.28 -0.39 19.09
C GLU B 98 -14.55 -1.15 17.99
N GLY B 99 -14.27 -2.43 18.26
CA GLY B 99 -13.70 -3.29 17.25
C GLY B 99 -14.77 -3.89 16.35
N SER B 100 -15.85 -4.37 16.97
CA SER B 100 -17.02 -4.84 16.26
C SER B 100 -18.25 -4.36 17.01
N LEU B 101 -19.43 -4.63 16.44
CA LEU B 101 -20.62 -3.93 16.92
C LEU B 101 -21.35 -4.64 18.04
N GLY B 102 -21.42 -5.97 18.03
CA GLY B 102 -22.15 -6.66 19.06
C GLY B 102 -21.57 -6.43 20.44
N GLY B 103 -22.37 -6.76 21.46
CA GLY B 103 -21.87 -6.80 22.82
C GLY B 103 -22.22 -5.57 23.63
N TRP B 104 -21.91 -5.66 24.92
CA TRP B 104 -22.27 -4.65 25.92
C TRP B 104 -21.05 -4.33 26.77
N GLY B 105 -20.60 -3.09 26.72
CA GLY B 105 -19.53 -2.64 27.58
C GLY B 105 -18.44 -1.97 26.79
N ARG B 106 -17.32 -1.71 27.47
CA ARG B 106 -16.22 -0.97 26.87
C ARG B 106 -15.44 -1.86 25.90
N ASP B 107 -15.07 -1.26 24.76
CA ASP B 107 -14.35 -1.96 23.71
C ASP B 107 -13.45 -0.93 23.04
N PHE B 108 -12.14 -1.06 23.24
CA PHE B 108 -11.16 -0.19 22.59
C PHE B 108 -10.52 -1.02 21.46
N GLY B 109 -11.15 -0.97 20.30
CA GLY B 109 -10.77 -1.82 19.19
C GLY B 109 -9.73 -1.26 18.26
N SER B 110 -9.84 0.03 17.92
CA SER B 110 -8.88 0.69 17.03
C SER B 110 -8.42 1.99 17.67
N TRP B 111 -7.13 2.30 17.48
CA TRP B 111 -6.44 3.33 18.24
C TRP B 111 -5.94 4.44 17.33
N GLY B 112 -5.85 5.65 17.89
CA GLY B 112 -5.24 6.77 17.20
C GLY B 112 -3.75 6.86 17.47
N GLN B 113 -3.13 7.88 16.86
CA GLN B 113 -1.70 8.11 17.05
C GLN B 113 -1.41 8.70 18.43
N GLY B 114 -2.34 9.45 19.00
CA GLY B 114 -2.19 9.98 20.34
C GLY B 114 -1.65 11.41 20.34
N THR B 115 -2.09 12.19 21.31
CA THR B 115 -1.60 13.56 21.48
C THR B 115 -1.17 13.77 22.94
N GLN B 116 -0.07 14.50 23.12
CA GLN B 116 0.55 14.65 24.42
C GLN B 116 -0.06 15.83 25.17
N VAL B 117 -0.39 15.62 26.45
CA VAL B 117 -0.77 16.71 27.34
C VAL B 117 0.17 16.70 28.54
N THR B 118 0.59 17.89 28.94
CA THR B 118 1.66 18.10 29.91
C THR B 118 1.24 19.22 30.84
N VAL B 119 1.25 18.96 32.15
CA VAL B 119 0.82 19.93 33.15
C VAL B 119 2.06 20.54 33.80
N SER B 120 2.14 21.88 33.74
CA SER B 120 3.39 22.62 33.82
C SER B 120 3.72 23.06 35.25
N SER B 121 4.86 23.74 35.37
CA SER B 121 5.29 24.35 36.62
C SER B 121 6.21 25.54 36.34
N GLN C 1 11.18 -25.43 -8.66
CA GLN C 1 11.02 -24.00 -8.44
C GLN C 1 9.55 -23.62 -8.27
N VAL C 2 9.31 -22.34 -7.99
CA VAL C 2 7.96 -21.79 -7.90
C VAL C 2 7.67 -21.01 -9.18
N GLN C 3 6.51 -21.27 -9.78
CA GLN C 3 6.05 -20.48 -10.92
C GLN C 3 4.59 -20.08 -10.72
N LEU C 4 4.28 -18.87 -11.19
CA LEU C 4 2.96 -18.28 -11.08
C LEU C 4 2.65 -17.59 -12.40
N VAL C 5 1.63 -18.05 -13.12
CA VAL C 5 1.30 -17.50 -14.43
C VAL C 5 -0.12 -16.95 -14.40
N GLU C 6 -0.25 -15.64 -14.57
CA GLU C 6 -1.56 -14.99 -14.59
C GLU C 6 -2.17 -15.06 -15.98
N SER C 7 -3.48 -14.83 -16.04
CA SER C 7 -4.25 -14.76 -17.27
C SER C 7 -5.61 -14.18 -16.94
N GLY C 8 -6.36 -13.84 -17.99
CA GLY C 8 -7.69 -13.29 -17.86
C GLY C 8 -7.76 -11.80 -18.11
N GLY C 9 -6.63 -11.11 -18.03
CA GLY C 9 -6.62 -9.69 -18.33
C GLY C 9 -7.00 -9.41 -19.77
N GLY C 10 -7.32 -8.15 -20.02
CA GLY C 10 -7.71 -7.74 -21.35
C GLY C 10 -8.26 -6.34 -21.29
N LEU C 11 -9.10 -6.01 -22.28
CA LEU C 11 -9.80 -4.74 -22.28
C LEU C 11 -11.21 -4.94 -21.75
N ILE C 12 -11.78 -3.87 -21.22
CA ILE C 12 -13.09 -3.95 -20.56
C ILE C 12 -13.62 -2.54 -20.33
N GLN C 13 -14.95 -2.39 -20.30
CA GLN C 13 -15.67 -1.13 -20.16
C GLN C 13 -15.96 -0.83 -18.68
N PRO C 14 -16.03 0.44 -18.32
CA PRO C 14 -16.52 0.81 -16.99
C PRO C 14 -17.86 0.16 -16.71
N GLY C 15 -18.01 -0.38 -15.50
CA GLY C 15 -19.19 -1.11 -15.13
C GLY C 15 -19.13 -2.59 -15.46
N GLY C 16 -18.13 -3.04 -16.22
CA GLY C 16 -18.05 -4.43 -16.61
C GLY C 16 -17.31 -5.30 -15.61
N SER C 17 -17.37 -6.61 -15.86
CA SER C 17 -16.71 -7.60 -15.04
C SER C 17 -15.59 -8.28 -15.83
N LEU C 18 -14.74 -9.00 -15.08
CA LEU C 18 -13.52 -9.57 -15.62
C LEU C 18 -12.93 -10.52 -14.60
N ARG C 19 -12.62 -11.75 -14.98
CA ARG C 19 -12.06 -12.72 -14.03
C ARG C 19 -10.60 -13.00 -14.38
N LEU C 20 -9.71 -12.68 -13.46
CA LEU C 20 -8.32 -13.08 -13.52
C LEU C 20 -8.13 -14.43 -12.85
N SER C 21 -7.16 -15.18 -13.35
CA SER C 21 -6.76 -16.43 -12.72
C SER C 21 -5.24 -16.54 -12.77
N CYS C 22 -4.72 -17.35 -11.87
CA CYS C 22 -3.28 -17.52 -11.67
C CYS C 22 -3.02 -19.00 -11.48
N ALA C 23 -2.37 -19.61 -12.47
CA ALA C 23 -1.91 -20.99 -12.36
C ALA C 23 -0.64 -21.03 -11.52
N ALA C 24 -0.63 -21.88 -10.51
CA ALA C 24 0.44 -21.92 -9.53
C ALA C 24 1.07 -23.31 -9.51
N SER C 25 2.40 -23.34 -9.60
CA SER C 25 3.17 -24.57 -9.53
C SER C 25 4.30 -24.38 -8.52
N GLY C 26 4.59 -25.45 -7.77
CA GLY C 26 5.67 -25.44 -6.80
C GLY C 26 5.24 -25.39 -5.35
N PHE C 27 3.94 -25.28 -5.07
CA PHE C 27 3.45 -25.24 -3.70
C PHE C 27 1.97 -25.56 -3.70
N THR C 28 1.44 -25.81 -2.51
CA THR C 28 0.03 -26.14 -2.32
C THR C 28 -0.75 -24.85 -2.15
N VAL C 29 -1.50 -24.46 -3.20
CA VAL C 29 -2.28 -23.23 -3.23
C VAL C 29 -3.13 -23.12 -1.97
N SER C 30 -3.77 -24.22 -1.59
CA SER C 30 -4.66 -24.22 -0.43
C SER C 30 -3.91 -24.16 0.89
N SER C 31 -2.60 -24.36 0.90
CA SER C 31 -1.84 -24.34 2.14
C SER C 31 -1.18 -23.00 2.42
N ASN C 32 -1.24 -22.05 1.48
CA ASN C 32 -0.46 -20.82 1.55
C ASN C 32 -1.37 -19.60 1.56
N TYR C 33 -0.80 -18.48 1.99
CA TYR C 33 -1.43 -17.18 1.76
C TYR C 33 -1.14 -16.72 0.34
N MET C 34 -2.13 -16.08 -0.28
CA MET C 34 -1.92 -15.59 -1.63
C MET C 34 -2.61 -14.25 -1.84
N SER C 35 -1.96 -13.35 -2.57
CA SER C 35 -2.44 -12.00 -2.76
C SER C 35 -2.43 -11.61 -4.23
N TRP C 36 -3.22 -10.57 -4.52
CA TRP C 36 -3.19 -9.86 -5.79
C TRP C 36 -2.67 -8.45 -5.53
N VAL C 37 -1.63 -8.05 -6.28
CA VAL C 37 -1.01 -6.74 -6.14
C VAL C 37 -0.97 -6.08 -7.51
N ARG C 38 -1.51 -4.88 -7.62
CA ARG C 38 -1.61 -4.23 -8.93
C ARG C 38 -0.69 -3.02 -9.01
N GLN C 39 -0.39 -2.64 -10.25
CA GLN C 39 0.50 -1.52 -10.56
C GLN C 39 -0.06 -0.74 -11.73
N ALA C 40 -0.41 0.51 -11.50
CA ALA C 40 -0.93 1.34 -12.58
C ALA C 40 0.22 1.81 -13.46
N PRO C 41 -0.05 2.09 -14.75
CA PRO C 41 1.02 2.54 -15.65
C PRO C 41 1.84 3.71 -15.13
N GLY C 42 3.12 3.48 -14.89
CA GLY C 42 4.03 4.50 -14.41
C GLY C 42 3.92 4.83 -12.94
N LYS C 43 3.22 4.01 -12.16
CA LYS C 43 2.98 4.28 -10.75
C LYS C 43 3.56 3.15 -9.90
N GLY C 44 3.35 3.25 -8.59
CA GLY C 44 3.85 2.27 -7.65
C GLY C 44 2.91 1.09 -7.50
N LEU C 45 3.15 0.33 -6.43
CA LEU C 45 2.44 -0.92 -6.19
C LEU C 45 1.33 -0.73 -5.16
N GLU C 46 0.21 -1.44 -5.38
CA GLU C 46 -0.95 -1.37 -4.51
C GLU C 46 -1.44 -2.79 -4.21
N TRP C 47 -1.57 -3.12 -2.93
CA TRP C 47 -2.14 -4.41 -2.54
C TRP C 47 -3.65 -4.39 -2.72
N VAL C 48 -4.18 -5.45 -3.32
CA VAL C 48 -5.59 -5.51 -3.71
C VAL C 48 -6.37 -6.46 -2.81
N SER C 49 -5.88 -7.69 -2.63
CA SER C 49 -6.65 -8.75 -2.01
C SER C 49 -5.73 -9.84 -1.48
N VAL C 50 -6.16 -10.50 -0.41
CA VAL C 50 -5.45 -11.63 0.16
C VAL C 50 -6.44 -12.72 0.54
N ILE C 51 -5.98 -13.96 0.48
CA ILE C 51 -6.69 -15.11 1.01
C ILE C 51 -5.71 -15.90 1.88
N TYR C 52 -6.15 -16.28 3.08
CA TYR C 52 -5.34 -17.00 4.04
C TYR C 52 -5.33 -18.49 3.72
N SER C 53 -4.42 -19.21 4.38
CA SER C 53 -4.36 -20.65 4.23
C SER C 53 -5.65 -21.32 4.69
N GLY C 54 -6.29 -20.77 5.72
CA GLY C 54 -7.55 -21.25 6.21
C GLY C 54 -8.77 -20.72 5.48
N GLY C 55 -8.60 -19.79 4.54
CA GLY C 55 -9.67 -19.36 3.67
C GLY C 55 -10.24 -17.98 3.95
N SER C 56 -9.82 -17.33 5.04
CA SER C 56 -10.28 -15.97 5.28
C SER C 56 -9.75 -15.03 4.20
N THR C 57 -10.60 -14.12 3.75
CA THR C 57 -10.26 -13.22 2.66
C THR C 57 -10.33 -11.78 3.13
N PHE C 58 -9.41 -10.95 2.63
CA PHE C 58 -9.38 -9.53 3.00
C PHE C 58 -9.09 -8.71 1.76
N TYR C 59 -9.56 -7.46 1.78
CA TYR C 59 -9.63 -6.63 0.59
C TYR C 59 -9.19 -5.21 0.90
N ALA C 60 -8.46 -4.63 -0.05
CA ALA C 60 -8.21 -3.19 -0.01
C ALA C 60 -9.53 -2.45 -0.17
N ASP C 61 -9.65 -1.31 0.51
CA ASP C 61 -10.93 -0.63 0.58
C ASP C 61 -11.37 -0.10 -0.78
N SER C 62 -10.42 0.28 -1.64
CA SER C 62 -10.78 0.80 -2.96
C SER C 62 -11.45 -0.26 -3.82
N VAL C 63 -11.16 -1.54 -3.58
CA VAL C 63 -11.74 -2.63 -4.36
C VAL C 63 -12.80 -3.41 -3.58
N LYS C 64 -12.95 -3.18 -2.29
CA LYS C 64 -13.82 -4.03 -1.49
C LYS C 64 -15.29 -3.77 -1.82
N GLY C 65 -16.07 -4.85 -1.93
CA GLY C 65 -17.41 -4.79 -2.43
C GLY C 65 -17.53 -5.08 -3.92
N ARG C 66 -16.44 -4.93 -4.66
CA ARG C 66 -16.41 -5.16 -6.10
C ARG C 66 -15.51 -6.33 -6.51
N PHE C 67 -14.42 -6.55 -5.79
CA PHE C 67 -13.51 -7.66 -6.09
C PHE C 67 -13.76 -8.80 -5.13
N THR C 68 -13.57 -10.01 -5.64
CA THR C 68 -13.68 -11.22 -4.82
C THR C 68 -12.51 -12.13 -5.15
N ILE C 69 -11.77 -12.54 -4.12
CA ILE C 69 -10.66 -13.46 -4.30
C ILE C 69 -11.16 -14.86 -3.96
N SER C 70 -10.67 -15.85 -4.71
CA SER C 70 -11.03 -17.23 -4.41
C SER C 70 -9.92 -18.13 -4.94
N ARG C 71 -10.06 -19.43 -4.69
CA ARG C 71 -9.06 -20.38 -5.15
C ARG C 71 -9.70 -21.74 -5.37
N ASP C 72 -8.95 -22.60 -6.07
CA ASP C 72 -9.35 -23.96 -6.38
C ASP C 72 -8.09 -24.82 -6.28
N ASN C 73 -8.01 -25.64 -5.22
CA ASN C 73 -6.80 -26.42 -4.99
C ASN C 73 -6.64 -27.52 -6.02
N SER C 74 -7.73 -28.21 -6.36
CA SER C 74 -7.66 -29.27 -7.36
C SER C 74 -7.01 -28.77 -8.64
N LYS C 75 -7.32 -27.53 -9.03
CA LYS C 75 -6.77 -26.92 -10.23
C LYS C 75 -5.52 -26.10 -9.98
N SER C 76 -5.10 -25.95 -8.73
CA SER C 76 -3.92 -25.13 -8.37
C SER C 76 -4.07 -23.70 -8.89
N THR C 77 -5.25 -23.11 -8.67
CA THR C 77 -5.56 -21.83 -9.27
C THR C 77 -6.04 -20.83 -8.24
N LEU C 78 -5.55 -19.60 -8.36
CA LEU C 78 -6.12 -18.46 -7.65
C LEU C 78 -6.94 -17.64 -8.63
N TYR C 79 -7.98 -16.97 -8.14
CA TYR C 79 -8.84 -16.15 -8.98
C TYR C 79 -9.13 -14.82 -8.32
N LEU C 80 -9.28 -13.79 -9.17
CA LEU C 80 -9.76 -12.47 -8.77
C LEU C 80 -10.92 -12.10 -9.69
N GLN C 81 -12.13 -12.04 -9.14
CA GLN C 81 -13.31 -11.63 -9.87
C GLN C 81 -13.51 -10.14 -9.67
N MET C 82 -13.50 -9.37 -10.76
CA MET C 82 -13.54 -7.91 -10.72
C MET C 82 -14.85 -7.47 -11.36
N ASN C 83 -15.76 -6.93 -10.56
CA ASN C 83 -17.02 -6.39 -11.06
C ASN C 83 -17.01 -4.87 -10.91
N SER C 84 -18.02 -4.23 -11.50
CA SER C 84 -18.24 -2.78 -11.39
C SER C 84 -16.95 -2.00 -11.60
N LEU C 85 -16.23 -2.38 -12.66
CA LEU C 85 -14.88 -1.88 -12.87
C LEU C 85 -14.88 -0.40 -13.25
N ARG C 86 -13.78 0.27 -12.94
CA ARG C 86 -13.62 1.69 -13.22
C ARG C 86 -12.29 1.92 -13.93
N VAL C 87 -12.15 3.11 -14.52
CA VAL C 87 -10.88 3.51 -15.13
C VAL C 87 -9.74 3.38 -14.12
N GLU C 88 -10.00 3.79 -12.87
CA GLU C 88 -9.06 3.65 -11.75
C GLU C 88 -8.36 2.29 -11.74
N ASP C 89 -9.13 1.24 -12.02
CA ASP C 89 -8.64 -0.13 -11.86
C ASP C 89 -7.67 -0.57 -12.94
N THR C 90 -7.42 0.27 -13.95
CA THR C 90 -6.46 -0.05 -15.01
C THR C 90 -5.07 -0.28 -14.42
N ALA C 91 -4.54 -1.49 -14.53
CA ALA C 91 -3.25 -1.80 -13.97
C ALA C 91 -2.78 -3.16 -14.47
N VAL C 92 -1.49 -3.41 -14.29
CA VAL C 92 -0.96 -4.77 -14.34
C VAL C 92 -1.28 -5.44 -13.01
N TYR C 93 -1.93 -6.59 -13.05
CA TYR C 93 -2.27 -7.33 -11.84
C TYR C 93 -1.29 -8.49 -11.70
N TYR C 94 -0.59 -8.53 -10.58
CA TYR C 94 0.37 -9.58 -10.26
C TYR C 94 -0.27 -10.51 -9.23
N CYS C 95 -0.20 -11.80 -9.52
CA CYS C 95 -0.45 -12.83 -8.52
C CYS C 95 0.82 -13.05 -7.71
N ALA C 96 0.68 -13.19 -6.40
CA ALA C 96 1.87 -13.30 -5.57
C ALA C 96 1.65 -14.26 -4.41
N ARG C 97 2.64 -15.10 -4.17
CA ARG C 97 2.68 -15.96 -3.00
C ARG C 97 3.04 -15.10 -1.80
N ASP C 98 2.28 -15.24 -0.72
CA ASP C 98 2.32 -14.30 0.40
C ASP C 98 2.86 -15.02 1.62
N PHE C 99 3.99 -14.56 2.13
CA PHE C 99 4.52 -15.18 3.35
C PHE C 99 3.75 -14.62 4.54
N GLY C 100 2.69 -15.32 4.90
CA GLY C 100 2.00 -15.06 6.15
C GLY C 100 1.40 -13.67 6.27
N ASP C 101 0.85 -13.15 5.18
CA ASP C 101 0.23 -11.83 5.16
C ASP C 101 1.22 -10.73 5.53
N PHE C 102 2.52 -10.99 5.34
CA PHE C 102 3.56 -10.02 5.64
C PHE C 102 4.13 -9.45 4.34
N TYR C 103 4.90 -10.24 3.59
CA TYR C 103 5.57 -9.77 2.40
C TYR C 103 5.42 -10.80 1.29
N PHE C 104 5.79 -10.41 0.07
CA PHE C 104 5.54 -11.19 -1.12
C PHE C 104 6.88 -11.74 -1.62
N ASP C 105 7.13 -13.02 -1.37
CA ASP C 105 8.43 -13.59 -1.72
C ASP C 105 8.50 -14.08 -3.17
N TYR C 106 7.36 -14.41 -3.78
CA TYR C 106 7.33 -14.90 -5.16
C TYR C 106 6.22 -14.18 -5.91
N TRP C 107 6.58 -13.56 -7.03
CA TRP C 107 5.64 -12.81 -7.85
C TRP C 107 5.44 -13.52 -9.18
N GLY C 108 4.27 -13.31 -9.78
CA GLY C 108 4.02 -13.80 -11.12
C GLY C 108 4.60 -12.88 -12.18
N GLN C 109 4.08 -12.93 -13.40
CA GLN C 109 4.55 -12.03 -14.45
C GLN C 109 3.61 -10.85 -14.67
N GLY C 110 2.37 -10.94 -14.22
CA GLY C 110 1.42 -9.86 -14.40
C GLY C 110 0.53 -10.10 -15.61
N THR C 111 -0.71 -9.62 -15.51
CA THR C 111 -1.62 -9.55 -16.64
C THR C 111 -2.19 -8.14 -16.70
N LEU C 112 -2.18 -7.55 -17.89
CA LEU C 112 -2.59 -6.16 -18.04
C LEU C 112 -4.11 -6.08 -18.13
N VAL C 113 -4.70 -5.15 -17.39
CA VAL C 113 -6.14 -4.90 -17.40
C VAL C 113 -6.32 -3.42 -17.68
N THR C 114 -6.87 -3.10 -18.86
CA THR C 114 -7.14 -1.73 -19.27
C THR C 114 -8.64 -1.53 -19.30
N VAL C 115 -9.12 -0.49 -18.63
CA VAL C 115 -10.54 -0.14 -18.59
C VAL C 115 -10.71 1.13 -19.40
N SER C 116 -11.43 1.03 -20.52
CA SER C 116 -11.65 2.16 -21.41
C SER C 116 -13.08 2.16 -21.89
N SER C 117 -13.60 3.34 -22.17
CA SER C 117 -14.88 3.48 -22.86
C SER C 117 -14.71 3.56 -24.38
N ALA C 118 -13.47 3.61 -24.85
CA ALA C 118 -13.20 3.75 -26.27
C ALA C 118 -13.48 2.45 -27.02
N SER C 119 -13.36 2.52 -28.35
CA SER C 119 -13.53 1.38 -29.22
C SER C 119 -12.36 1.32 -30.19
N THR C 120 -12.27 0.20 -30.92
CA THR C 120 -11.13 -0.03 -31.78
C THR C 120 -11.07 1.01 -32.91
N LYS C 121 -9.89 1.62 -33.07
CA LYS C 121 -9.67 2.57 -34.15
C LYS C 121 -8.21 2.48 -34.57
N GLY C 122 -7.99 2.36 -35.88
CA GLY C 122 -6.65 2.36 -36.42
C GLY C 122 -6.09 3.77 -36.46
N PRO C 123 -4.77 3.88 -36.44
CA PRO C 123 -4.16 5.20 -36.34
C PRO C 123 -4.12 5.89 -37.70
N SER C 124 -3.94 7.21 -37.63
CA SER C 124 -3.55 7.98 -38.80
C SER C 124 -2.08 8.36 -38.68
N VAL C 125 -1.33 8.16 -39.76
CA VAL C 125 0.10 8.46 -39.78
C VAL C 125 0.29 9.76 -40.55
N PHE C 126 1.01 10.70 -39.93
CA PHE C 126 1.34 11.96 -40.58
C PHE C 126 2.84 12.18 -40.55
N PRO C 127 3.40 12.84 -41.55
CA PRO C 127 4.86 13.03 -41.57
C PRO C 127 5.31 14.21 -40.74
N LEU C 128 6.42 14.03 -40.03
CA LEU C 128 7.11 15.09 -39.31
C LEU C 128 8.30 15.45 -40.17
N ALA C 129 8.16 16.49 -40.99
CA ALA C 129 9.10 16.69 -42.08
C ALA C 129 10.23 17.65 -41.68
N PRO C 130 11.45 17.33 -42.13
CA PRO C 130 12.60 18.19 -41.79
C PRO C 130 12.51 19.56 -42.44
N SER C 131 12.90 20.58 -41.67
CA SER C 131 12.69 21.96 -42.06
C SER C 131 13.74 22.88 -41.44
N GLY C 137 21.05 21.25 -36.66
CA GLY C 137 22.29 21.94 -36.98
C GLY C 137 23.10 21.20 -38.01
N GLY C 138 24.08 20.41 -37.54
CA GLY C 138 24.80 19.52 -38.44
C GLY C 138 23.97 18.34 -38.91
N THR C 139 22.93 17.98 -38.18
CA THR C 139 22.06 16.86 -38.51
C THR C 139 20.61 17.33 -38.60
N ALA C 140 19.84 16.62 -39.44
CA ALA C 140 18.42 16.88 -39.64
C ALA C 140 17.59 15.81 -38.95
N ALA C 141 16.44 16.22 -38.45
CA ALA C 141 15.52 15.32 -37.76
C ALA C 141 14.23 15.17 -38.57
N LEU C 142 13.74 13.94 -38.69
CA LEU C 142 12.48 13.69 -39.37
C LEU C 142 11.74 12.60 -38.60
N GLY C 143 10.48 12.37 -38.96
CA GLY C 143 9.73 11.38 -38.22
C GLY C 143 8.33 11.17 -38.73
N CYS C 144 7.55 10.47 -37.90
CA CYS C 144 6.17 10.11 -38.15
C CYS C 144 5.38 10.29 -36.87
N LEU C 145 4.14 10.71 -37.01
CA LEU C 145 3.21 10.95 -35.91
C LEU C 145 2.05 9.99 -36.09
N VAL C 146 1.91 9.05 -35.15
CA VAL C 146 0.89 8.02 -35.18
C VAL C 146 -0.19 8.44 -34.19
N LYS C 147 -1.35 8.86 -34.70
CA LYS C 147 -2.33 9.57 -33.90
C LYS C 147 -3.66 8.83 -33.85
N ASP C 148 -4.31 8.89 -32.67
CA ASP C 148 -5.70 8.51 -32.51
C ASP C 148 -5.89 7.05 -32.86
N TYR C 149 -5.40 6.16 -32.00
CA TYR C 149 -5.54 4.72 -32.20
C TYR C 149 -5.90 4.07 -30.88
N PHE C 150 -6.50 2.89 -30.98
CA PHE C 150 -6.91 2.12 -29.82
C PHE C 150 -7.27 0.71 -30.28
N PRO C 151 -6.83 -0.33 -29.55
CA PRO C 151 -6.04 -0.23 -28.33
C PRO C 151 -4.55 -0.12 -28.58
N GLU C 152 -3.76 -0.19 -27.51
CA GLU C 152 -2.34 -0.44 -27.64
C GLU C 152 -2.15 -1.83 -28.25
N PRO C 153 -0.99 -2.10 -28.87
CA PRO C 153 0.12 -1.22 -29.21
C PRO C 153 0.19 -0.96 -30.71
N VAL C 154 1.20 -0.19 -31.13
CA VAL C 154 1.57 -0.07 -32.53
C VAL C 154 3.08 -0.23 -32.61
N THR C 155 3.55 -0.63 -33.78
CA THR C 155 4.98 -0.79 -34.00
C THR C 155 5.42 0.03 -35.21
N VAL C 156 6.56 0.71 -35.08
CA VAL C 156 7.10 1.57 -36.12
C VAL C 156 8.49 1.10 -36.48
N SER C 157 8.74 0.94 -37.77
CA SER C 157 10.07 0.68 -38.32
C SER C 157 10.42 1.81 -39.27
N TRP C 158 11.70 1.89 -39.63
CA TRP C 158 12.15 2.83 -40.66
C TRP C 158 12.87 2.05 -41.75
N ASN C 159 12.40 2.21 -42.98
CA ASN C 159 12.91 1.48 -44.14
C ASN C 159 12.89 -0.03 -43.89
N SER C 160 11.72 -0.51 -43.43
CA SER C 160 11.44 -1.93 -43.23
C SER C 160 12.54 -2.61 -42.41
N GLY C 161 13.07 -1.88 -41.44
CA GLY C 161 14.09 -2.41 -40.54
C GLY C 161 15.51 -2.04 -40.90
N ALA C 162 15.75 -1.51 -42.10
CA ALA C 162 17.12 -1.19 -42.51
C ALA C 162 17.71 -0.09 -41.65
N LEU C 163 16.95 0.99 -41.42
CA LEU C 163 17.43 2.13 -40.65
C LEU C 163 16.95 1.99 -39.21
N THR C 164 17.90 1.76 -38.29
CA THR C 164 17.60 1.71 -36.87
C THR C 164 18.42 2.69 -36.04
N SER C 165 19.54 3.19 -36.57
CA SER C 165 20.45 3.99 -35.78
C SER C 165 19.94 5.43 -35.65
N GLY C 166 19.85 5.92 -34.43
CA GLY C 166 19.31 7.25 -34.19
C GLY C 166 17.80 7.31 -34.18
N VAL C 167 17.13 6.17 -34.08
CA VAL C 167 15.67 6.12 -34.07
C VAL C 167 15.19 6.13 -32.63
N HIS C 168 14.27 7.04 -32.32
CA HIS C 168 13.59 7.08 -31.03
C HIS C 168 12.10 6.93 -31.29
N THR C 169 11.51 5.87 -30.75
CA THR C 169 10.07 5.67 -30.81
C THR C 169 9.51 5.89 -29.41
N PHE C 170 8.82 7.00 -29.22
CA PHE C 170 8.39 7.39 -27.89
C PHE C 170 7.25 6.48 -27.42
N PRO C 171 7.13 6.28 -26.11
CA PRO C 171 5.98 5.54 -25.57
C PRO C 171 4.68 6.27 -25.89
N ALA C 172 3.61 5.49 -26.03
CA ALA C 172 2.32 6.07 -26.36
C ALA C 172 1.83 6.98 -25.25
N VAL C 173 1.03 7.98 -25.64
CA VAL C 173 0.39 8.88 -24.70
C VAL C 173 -1.12 8.71 -24.83
N LEU C 174 -1.80 8.69 -23.69
CA LEU C 174 -3.25 8.56 -23.65
C LEU C 174 -3.86 9.95 -23.50
N GLN C 175 -4.58 10.39 -24.52
CA GLN C 175 -5.15 11.72 -24.59
C GLN C 175 -6.61 11.69 -24.15
N SER C 176 -7.19 12.89 -24.00
CA SER C 176 -8.54 13.04 -23.48
C SER C 176 -9.52 12.14 -24.23
N SER C 177 -9.36 12.06 -25.55
CA SER C 177 -10.16 11.22 -26.43
C SER C 177 -10.43 9.83 -25.86
N GLY C 178 -9.44 9.27 -25.16
CA GLY C 178 -9.40 7.87 -24.86
C GLY C 178 -8.58 7.06 -25.85
N LEU C 179 -8.03 7.71 -26.86
CA LEU C 179 -7.18 7.09 -27.87
C LEU C 179 -5.73 7.39 -27.55
N TYR C 180 -4.83 6.64 -28.16
CA TYR C 180 -3.41 6.85 -27.91
C TYR C 180 -2.75 7.59 -29.06
N SER C 181 -1.61 8.19 -28.75
CA SER C 181 -0.82 8.90 -29.74
C SER C 181 0.66 8.62 -29.46
N LEU C 182 1.47 8.73 -30.51
CA LEU C 182 2.85 8.26 -30.45
C LEU C 182 3.63 8.98 -31.54
N SER C 183 4.94 9.08 -31.34
CA SER C 183 5.83 9.60 -32.36
C SER C 183 7.03 8.68 -32.52
N SER C 184 7.50 8.58 -33.76
CA SER C 184 8.78 7.97 -34.05
C SER C 184 9.62 8.99 -34.81
N VAL C 185 10.82 9.29 -34.31
CA VAL C 185 11.70 10.23 -34.99
C VAL C 185 13.04 9.55 -35.23
N VAL C 186 13.80 10.12 -36.15
CA VAL C 186 15.14 9.64 -36.46
C VAL C 186 15.95 10.84 -36.94
N THR C 187 17.22 10.89 -36.53
CA THR C 187 18.14 11.91 -36.97
C THR C 187 19.11 11.34 -37.99
N VAL C 188 19.39 12.15 -39.01
CA VAL C 188 20.22 11.78 -40.16
C VAL C 188 21.15 12.94 -40.45
N PRO C 189 22.22 12.70 -41.20
CA PRO C 189 23.02 13.83 -41.67
C PRO C 189 22.20 14.70 -42.60
N SER C 190 22.47 16.01 -42.56
CA SER C 190 21.72 16.95 -43.40
C SER C 190 21.93 16.63 -44.87
N SER C 191 23.19 16.52 -45.30
CA SER C 191 23.52 16.23 -46.69
C SER C 191 22.75 15.04 -47.24
N SER C 192 22.27 14.14 -46.38
CA SER C 192 21.60 12.93 -46.83
C SER C 192 20.12 13.11 -47.14
N LEU C 193 19.60 14.34 -47.14
CA LEU C 193 18.15 14.51 -47.20
C LEU C 193 17.61 14.31 -48.61
N GLY C 194 18.21 14.95 -49.61
CA GLY C 194 17.80 14.68 -50.98
C GLY C 194 18.36 13.40 -51.56
N THR C 195 19.34 12.80 -50.88
CA THR C 195 20.04 11.61 -51.37
C THR C 195 19.28 10.33 -51.11
N GLN C 196 18.58 10.25 -49.99
CA GLN C 196 18.17 8.99 -49.40
C GLN C 196 16.70 9.06 -49.03
N THR C 197 16.01 7.94 -49.23
CA THR C 197 14.57 7.89 -48.99
C THR C 197 14.30 7.40 -47.57
N TYR C 198 13.32 8.04 -46.92
CA TYR C 198 12.97 7.74 -45.54
C TYR C 198 11.48 7.40 -45.48
N ILE C 199 11.19 6.12 -45.25
CA ILE C 199 9.83 5.62 -45.12
C ILE C 199 9.68 5.01 -43.74
N CYS C 200 8.66 5.44 -43.00
CA CYS C 200 8.33 4.81 -41.75
C CYS C 200 7.16 3.86 -41.96
N ASN C 201 7.21 2.73 -41.27
CA ASN C 201 6.27 1.61 -41.45
C ASN C 201 5.55 1.41 -40.13
N VAL C 202 4.27 1.75 -40.12
CA VAL C 202 3.41 1.68 -38.93
C VAL C 202 2.53 0.45 -39.03
N ASN C 203 2.39 -0.26 -37.92
CA ASN C 203 1.65 -1.51 -37.85
C ASN C 203 0.78 -1.48 -36.61
N HIS C 204 -0.54 -1.58 -36.79
CA HIS C 204 -1.52 -1.62 -35.71
C HIS C 204 -2.40 -2.85 -35.96
N LYS C 205 -1.97 -3.99 -35.39
CA LYS C 205 -2.65 -5.25 -35.65
C LYS C 205 -4.12 -5.29 -35.22
N PRO C 206 -4.54 -4.72 -34.08
CA PRO C 206 -5.96 -4.88 -33.68
C PRO C 206 -6.96 -4.35 -34.68
N SER C 207 -6.55 -3.45 -35.56
CA SER C 207 -7.38 -3.00 -36.67
C SER C 207 -6.86 -3.47 -38.02
N ASN C 208 -5.81 -4.30 -38.04
CA ASN C 208 -5.13 -4.74 -39.26
C ASN C 208 -4.64 -3.55 -40.08
N THR C 209 -4.23 -2.48 -39.41
CA THR C 209 -3.73 -1.30 -40.09
C THR C 209 -2.25 -1.45 -40.41
N LYS C 210 -1.90 -1.21 -41.67
CA LYS C 210 -0.52 -1.16 -42.11
C LYS C 210 -0.35 0.07 -42.97
N VAL C 211 0.67 0.88 -42.67
CA VAL C 211 0.88 2.15 -43.33
C VAL C 211 2.37 2.36 -43.57
N ASP C 212 2.76 2.55 -44.83
CA ASP C 212 4.14 2.93 -45.17
C ASP C 212 4.10 4.37 -45.68
N LYS C 213 4.58 5.30 -44.87
CA LYS C 213 4.55 6.72 -45.20
C LYS C 213 5.97 7.21 -45.51
N LYS C 214 6.15 7.79 -46.68
CA LYS C 214 7.40 8.44 -47.04
C LYS C 214 7.43 9.84 -46.44
N VAL C 215 8.59 10.21 -45.89
CA VAL C 215 8.77 11.49 -45.21
C VAL C 215 9.78 12.31 -46.01
N GLU C 216 9.35 13.47 -46.48
CA GLU C 216 10.18 14.31 -47.34
C GLU C 216 10.14 15.75 -46.88
N PRO C 217 11.21 16.53 -47.14
CA PRO C 217 11.22 17.96 -46.85
C PRO C 217 10.20 18.72 -47.68
N GLU D 1 -3.01 3.91 8.34
CA GLU D 1 -2.40 4.11 7.02
C GLU D 1 -0.96 4.56 7.15
N ILE D 2 -0.03 3.61 7.27
CA ILE D 2 1.38 3.95 7.29
C ILE D 2 1.80 4.44 5.91
N VAL D 3 2.41 5.61 5.85
CA VAL D 3 2.87 6.20 4.60
C VAL D 3 4.38 6.04 4.55
N LEU D 4 4.87 5.50 3.44
CA LEU D 4 6.30 5.29 3.23
C LEU D 4 6.78 6.33 2.23
N THR D 5 7.76 7.12 2.63
CA THR D 5 8.32 8.19 1.82
C THR D 5 9.73 7.78 1.45
N GLN D 6 9.94 7.45 0.18
CA GLN D 6 11.22 7.00 -0.31
C GLN D 6 12.00 8.19 -0.85
N SER D 7 13.29 8.22 -0.56
CA SER D 7 14.15 9.27 -1.06
C SER D 7 15.52 8.71 -1.38
N PRO D 8 16.21 9.28 -2.39
CA PRO D 8 15.63 10.32 -3.25
C PRO D 8 14.67 9.70 -4.26
N GLY D 9 14.00 10.53 -5.06
CA GLY D 9 13.16 9.98 -6.11
C GLY D 9 13.96 9.38 -7.24
N THR D 10 15.03 10.06 -7.66
CA THR D 10 15.97 9.55 -8.63
C THR D 10 17.35 9.56 -8.00
N LEU D 11 18.13 8.51 -8.25
CA LEU D 11 19.48 8.37 -7.71
C LEU D 11 20.41 8.06 -8.87
N SER D 12 21.39 8.94 -9.09
CA SER D 12 22.25 8.88 -10.27
C SER D 12 23.67 8.47 -9.87
N LEU D 13 24.12 7.34 -10.40
CA LEU D 13 25.40 6.76 -9.99
C LEU D 13 26.03 6.02 -11.16
N SER D 14 27.29 5.67 -10.99
CA SER D 14 28.08 4.91 -11.94
C SER D 14 28.27 3.47 -11.46
N PRO D 15 28.55 2.54 -12.36
CA PRO D 15 28.95 1.20 -11.93
C PRO D 15 30.21 1.26 -11.08
N GLY D 16 30.22 0.46 -10.00
CA GLY D 16 31.30 0.43 -9.05
C GLY D 16 31.00 1.17 -7.76
N GLU D 17 30.24 2.25 -7.82
CA GLU D 17 29.95 3.05 -6.64
C GLU D 17 28.96 2.34 -5.73
N ARG D 18 28.66 2.96 -4.59
CA ARG D 18 27.73 2.43 -3.62
C ARG D 18 26.51 3.33 -3.52
N ALA D 19 25.34 2.72 -3.32
CA ALA D 19 24.05 3.40 -3.36
C ALA D 19 23.36 3.28 -2.02
N THR D 20 22.83 4.40 -1.52
CA THR D 20 22.13 4.45 -0.24
C THR D 20 20.73 5.01 -0.49
N LEU D 21 19.73 4.13 -0.42
CA LEU D 21 18.32 4.49 -0.58
C LEU D 21 17.67 4.51 0.79
N SER D 22 16.81 5.50 1.03
CA SER D 22 16.16 5.60 2.33
C SER D 22 14.66 5.53 2.18
N CYS D 23 14.03 4.90 3.16
CA CYS D 23 12.58 4.87 3.30
C CYS D 23 12.22 5.36 4.70
N ARG D 24 11.30 6.30 4.79
CA ARG D 24 10.85 6.80 6.09
C ARG D 24 9.37 6.51 6.27
N ALA D 25 9.00 6.00 7.43
CA ALA D 25 7.61 5.66 7.70
C ALA D 25 6.93 6.74 8.52
N SER D 26 5.63 6.92 8.29
CA SER D 26 4.86 7.92 9.01
C SER D 26 4.55 7.50 10.44
N GLN D 27 4.74 6.22 10.77
CA GLN D 27 4.68 5.71 12.13
C GLN D 27 5.63 4.52 12.21
N SER D 28 6.06 4.20 13.43
CA SER D 28 6.99 3.08 13.60
C SER D 28 6.34 1.78 13.15
N VAL D 29 7.04 1.06 12.29
CA VAL D 29 6.64 -0.28 11.88
C VAL D 29 7.58 -1.33 12.47
N SER D 30 8.31 -0.96 13.53
CA SER D 30 9.27 -1.84 14.20
C SER D 30 10.25 -2.35 13.15
N SER D 31 10.32 -3.65 12.88
CA SER D 31 11.22 -4.21 11.87
C SER D 31 10.46 -4.84 10.72
N TYR D 32 9.18 -4.51 10.57
CA TYR D 32 8.32 -5.17 9.59
C TYR D 32 8.37 -4.40 8.27
N LEU D 33 9.54 -4.48 7.64
CA LEU D 33 9.87 -3.73 6.44
C LEU D 33 10.58 -4.65 5.43
N ALA D 34 10.23 -4.50 4.16
CA ALA D 34 10.79 -5.30 3.08
C ALA D 34 11.12 -4.39 1.90
N TRP D 35 11.99 -4.89 1.01
CA TRP D 35 12.49 -4.15 -0.14
C TRP D 35 12.35 -4.98 -1.40
N TYR D 36 11.99 -4.32 -2.50
CA TYR D 36 11.80 -4.99 -3.79
C TYR D 36 12.58 -4.27 -4.89
N GLN D 37 13.07 -5.05 -5.84
CA GLN D 37 13.67 -4.57 -7.07
C GLN D 37 12.70 -4.80 -8.22
N GLN D 38 12.58 -3.81 -9.11
CA GLN D 38 11.79 -3.96 -10.33
C GLN D 38 12.60 -3.41 -11.48
N LYS D 39 13.09 -4.32 -12.33
CA LYS D 39 13.74 -3.98 -13.59
C LYS D 39 12.67 -3.64 -14.62
N PRO D 40 13.01 -2.85 -15.64
CA PRO D 40 11.99 -2.37 -16.58
C PRO D 40 11.29 -3.52 -17.29
N GLY D 41 9.96 -3.47 -17.29
CA GLY D 41 9.17 -4.49 -17.95
C GLY D 41 9.11 -5.83 -17.24
N GLN D 42 9.69 -5.93 -16.04
CA GLN D 42 9.64 -7.15 -15.25
C GLN D 42 8.80 -6.95 -14.00
N ALA D 43 8.56 -8.05 -13.30
CA ALA D 43 7.81 -8.03 -12.05
C ALA D 43 8.74 -7.73 -10.87
N PRO D 44 8.18 -7.24 -9.76
CA PRO D 44 9.02 -6.99 -8.58
C PRO D 44 9.62 -8.26 -8.03
N ARG D 45 10.81 -8.12 -7.43
CA ARG D 45 11.55 -9.24 -6.85
C ARG D 45 11.92 -8.89 -5.41
N LEU D 46 11.56 -9.77 -4.48
CA LEU D 46 11.84 -9.52 -3.07
C LEU D 46 13.34 -9.55 -2.81
N LEU D 47 13.85 -8.45 -2.27
CA LEU D 47 15.26 -8.33 -1.92
C LEU D 47 15.54 -8.64 -0.45
N ILE D 48 14.78 -8.01 0.45
CA ILE D 48 15.07 -8.03 1.87
C ILE D 48 13.75 -8.04 2.63
N TYR D 49 13.71 -8.78 3.73
CA TYR D 49 12.57 -8.76 4.64
C TYR D 49 13.07 -8.53 6.06
N GLY D 50 12.13 -8.23 6.95
CA GLY D 50 12.47 -7.94 8.33
C GLY D 50 13.56 -6.90 8.46
N ALA D 51 13.47 -5.85 7.62
CA ALA D 51 14.41 -4.74 7.62
C ALA D 51 15.82 -5.13 7.20
N SER D 52 16.35 -6.24 7.73
CA SER D 52 17.76 -6.59 7.51
C SER D 52 17.98 -7.94 6.85
N SER D 53 16.98 -8.82 6.81
CA SER D 53 17.21 -10.20 6.38
C SER D 53 17.15 -10.32 4.85
N ARG D 54 18.23 -10.84 4.28
CA ARG D 54 18.36 -10.98 2.83
C ARG D 54 17.56 -12.18 2.34
N ALA D 55 16.82 -11.99 1.25
CA ALA D 55 16.02 -13.08 0.69
C ALA D 55 16.90 -14.10 -0.02
N THR D 56 16.36 -15.31 -0.17
CA THR D 56 17.11 -16.40 -0.78
C THR D 56 17.53 -16.03 -2.20
N GLY D 57 18.81 -16.23 -2.50
CA GLY D 57 19.33 -15.93 -3.82
C GLY D 57 19.60 -14.48 -4.11
N ILE D 58 19.52 -13.60 -3.11
CA ILE D 58 19.84 -12.20 -3.30
C ILE D 58 21.33 -12.00 -2.99
N PRO D 59 22.10 -11.35 -3.86
CA PRO D 59 23.55 -11.29 -3.68
C PRO D 59 24.01 -10.51 -2.45
N ASP D 60 25.34 -10.51 -2.27
CA ASP D 60 25.97 -10.01 -1.06
C ASP D 60 25.81 -8.50 -0.89
N ARG D 61 25.79 -7.76 -1.99
CA ARG D 61 25.91 -6.31 -1.96
C ARG D 61 24.62 -5.60 -1.59
N PHE D 62 23.50 -6.31 -1.51
CA PHE D 62 22.26 -5.73 -1.01
C PHE D 62 22.20 -5.93 0.50
N SER D 63 22.04 -4.85 1.24
CA SER D 63 21.90 -4.96 2.69
C SER D 63 20.83 -3.99 3.18
N GLY D 64 20.10 -4.40 4.20
CA GLY D 64 19.04 -3.60 4.79
C GLY D 64 19.39 -3.20 6.21
N SER D 65 19.07 -1.96 6.56
CA SER D 65 19.39 -1.43 7.87
C SER D 65 18.27 -0.50 8.33
N GLY D 66 18.23 -0.25 9.63
CA GLY D 66 17.26 0.65 10.21
C GLY D 66 16.19 -0.10 10.99
N SER D 67 15.27 0.69 11.54
CA SER D 67 14.20 0.18 12.37
C SER D 67 13.22 1.30 12.66
N GLY D 68 12.08 0.92 13.25
CA GLY D 68 11.07 1.87 13.67
C GLY D 68 10.45 2.66 12.54
N THR D 69 10.97 3.87 12.30
CA THR D 69 10.52 4.71 11.21
C THR D 69 11.60 5.05 10.20
N ASP D 70 12.82 4.55 10.36
CA ASP D 70 13.91 4.95 9.47
C ASP D 70 14.60 3.72 8.92
N PHE D 71 14.64 3.59 7.58
CA PHE D 71 15.20 2.41 6.95
C PHE D 71 16.08 2.81 5.78
N THR D 72 17.04 1.95 5.47
CA THR D 72 18.01 2.18 4.42
C THR D 72 18.29 0.87 3.69
N LEU D 73 18.34 0.93 2.37
CA LEU D 73 18.84 -0.14 1.52
C LEU D 73 20.17 0.30 0.92
N THR D 74 21.18 -0.56 0.98
CA THR D 74 22.51 -0.20 0.54
C THR D 74 23.02 -1.24 -0.46
N ILE D 75 23.59 -0.73 -1.55
CA ILE D 75 24.11 -1.56 -2.65
C ILE D 75 25.59 -1.21 -2.81
N SER D 76 26.46 -2.19 -2.55
CA SER D 76 27.86 -1.89 -2.24
C SER D 76 28.71 -1.65 -3.48
N ARG D 77 28.60 -2.52 -4.49
CA ARG D 77 29.29 -2.35 -5.78
C ARG D 77 28.29 -2.62 -6.89
N LEU D 78 27.78 -1.56 -7.52
CA LEU D 78 26.71 -1.72 -8.51
C LEU D 78 27.23 -2.40 -9.76
N GLU D 79 26.69 -3.59 -10.07
CA GLU D 79 26.72 -4.12 -11.42
C GLU D 79 25.70 -3.37 -12.26
N PRO D 80 25.84 -3.38 -13.59
CA PRO D 80 24.90 -2.61 -14.43
C PRO D 80 23.46 -3.09 -14.38
N GLU D 81 23.20 -4.36 -14.03
CA GLU D 81 21.81 -4.81 -13.92
C GLU D 81 21.11 -4.28 -12.67
N ASP D 82 21.86 -3.76 -11.70
CA ASP D 82 21.28 -3.23 -10.48
C ASP D 82 20.58 -1.89 -10.70
N PHE D 83 20.59 -1.36 -11.92
CA PHE D 83 19.98 -0.07 -12.20
C PHE D 83 18.51 -0.30 -12.55
N ALA D 84 17.66 -0.22 -11.52
CA ALA D 84 16.24 -0.48 -11.66
C ALA D 84 15.50 0.43 -10.68
N VAL D 85 14.22 0.14 -10.44
CA VAL D 85 13.43 0.89 -9.46
C VAL D 85 13.31 0.06 -8.19
N TYR D 86 13.44 0.69 -7.04
CA TYR D 86 13.37 -0.03 -5.77
C TYR D 86 12.20 0.48 -4.92
N TYR D 87 11.53 -0.44 -4.23
CA TYR D 87 10.34 -0.14 -3.46
C TYR D 87 10.54 -0.62 -2.03
N CYS D 88 10.04 0.14 -1.05
CA CYS D 88 9.93 -0.38 0.31
C CYS D 88 8.46 -0.71 0.58
N GLN D 89 8.24 -1.59 1.56
CA GLN D 89 6.90 -2.03 1.91
C GLN D 89 6.88 -2.39 3.38
N GLN D 90 5.88 -1.91 4.10
CA GLN D 90 5.72 -2.24 5.51
C GLN D 90 4.62 -3.28 5.68
N TYR D 91 4.79 -4.15 6.68
CA TYR D 91 3.77 -5.12 7.05
C TYR D 91 3.56 -5.15 8.56
N GLY D 92 3.90 -4.04 9.24
CA GLY D 92 3.63 -3.93 10.66
C GLY D 92 2.22 -3.56 11.00
N SER D 93 1.52 -2.90 10.08
CA SER D 93 0.16 -2.42 10.33
C SER D 93 -0.64 -2.53 9.04
N SER D 94 -1.95 -2.79 9.19
CA SER D 94 -2.76 -2.99 7.99
C SER D 94 -3.57 -1.74 7.65
N PRO D 95 -3.82 -1.48 6.36
CA PRO D 95 -3.37 -2.32 5.25
C PRO D 95 -1.89 -2.13 4.93
N ARG D 96 -1.26 -3.18 4.41
CA ARG D 96 0.11 -3.07 3.95
C ARG D 96 0.20 -2.05 2.83
N THR D 97 1.25 -1.23 2.86
CA THR D 97 1.42 -0.15 1.91
C THR D 97 2.86 -0.14 1.41
N PHE D 98 3.05 0.33 0.19
CA PHE D 98 4.36 0.39 -0.46
C PHE D 98 4.89 1.83 -0.49
N GLY D 99 6.19 1.94 -0.70
CA GLY D 99 6.77 3.20 -1.09
C GLY D 99 6.41 3.53 -2.53
N GLN D 100 6.74 4.76 -2.92
CA GLN D 100 6.47 5.23 -4.28
C GLN D 100 7.65 4.99 -5.22
N GLY D 101 8.77 4.47 -4.71
CA GLY D 101 9.86 4.07 -5.56
C GLY D 101 11.03 5.04 -5.59
N THR D 102 12.24 4.48 -5.73
CA THR D 102 13.44 5.24 -6.06
C THR D 102 14.04 4.65 -7.33
N LYS D 103 14.29 5.51 -8.32
CA LYS D 103 14.87 5.07 -9.58
C LYS D 103 16.39 5.23 -9.54
N LEU D 104 17.10 4.15 -9.84
CA LEU D 104 18.55 4.16 -9.86
C LEU D 104 19.00 4.33 -11.32
N GLU D 105 19.63 5.46 -11.60
CA GLU D 105 19.84 5.94 -12.96
C GLU D 105 21.33 6.02 -13.25
N ILE D 106 21.74 5.56 -14.44
CA ILE D 106 23.14 5.68 -14.83
C ILE D 106 23.49 7.15 -14.96
N LYS D 107 24.62 7.54 -14.36
CA LYS D 107 25.07 8.92 -14.41
C LYS D 107 26.07 9.11 -15.55
N ARG D 108 25.99 10.26 -16.20
CA ARG D 108 26.91 10.64 -17.26
C ARG D 108 27.13 12.14 -17.18
N THR D 109 27.97 12.67 -18.07
CA THR D 109 28.18 14.10 -18.14
C THR D 109 26.87 14.80 -18.51
N VAL D 110 26.79 16.08 -18.15
CA VAL D 110 25.68 16.89 -18.63
C VAL D 110 25.78 17.00 -20.14
N ALA D 111 24.66 16.81 -20.82
CA ALA D 111 24.58 16.95 -22.26
C ALA D 111 23.34 17.77 -22.60
N ALA D 112 23.53 18.79 -23.43
CA ALA D 112 22.42 19.67 -23.76
C ALA D 112 21.57 19.09 -24.89
N PRO D 113 20.28 19.36 -24.90
CA PRO D 113 19.39 18.76 -25.91
C PRO D 113 19.51 19.42 -27.26
N SER D 114 19.35 18.62 -28.32
CA SER D 114 19.11 19.18 -29.64
C SER D 114 17.63 19.44 -29.80
N VAL D 115 17.26 20.65 -30.21
CA VAL D 115 15.86 21.05 -30.27
C VAL D 115 15.43 21.15 -31.72
N PHE D 116 14.29 20.51 -32.04
CA PHE D 116 13.69 20.57 -33.37
C PHE D 116 12.20 20.84 -33.21
N ILE D 117 11.62 21.58 -34.15
CA ILE D 117 10.20 21.86 -34.15
C ILE D 117 9.60 21.45 -35.49
N PHE D 118 8.42 20.83 -35.43
CA PHE D 118 7.72 20.28 -36.59
C PHE D 118 6.34 20.89 -36.67
N PRO D 119 6.00 21.55 -37.76
CA PRO D 119 4.66 22.10 -37.94
C PRO D 119 3.67 21.01 -38.31
N PRO D 120 2.36 21.26 -38.23
CA PRO D 120 1.40 20.25 -38.66
C PRO D 120 1.56 19.98 -40.15
N SER D 121 1.26 18.75 -40.55
CA SER D 121 1.31 18.41 -41.96
C SER D 121 0.03 18.87 -42.65
N ASP D 122 0.17 19.26 -43.92
CA ASP D 122 -1.01 19.60 -44.72
C ASP D 122 -2.04 18.49 -44.67
N GLU D 123 -1.58 17.24 -44.76
CA GLU D 123 -2.46 16.09 -44.67
C GLU D 123 -3.26 16.12 -43.38
N GLN D 124 -2.59 16.38 -42.25
CA GLN D 124 -3.30 16.45 -40.99
C GLN D 124 -4.17 17.69 -40.89
N LEU D 125 -3.79 18.78 -41.55
CA LEU D 125 -4.62 19.98 -41.45
C LEU D 125 -5.95 19.76 -42.14
N LYS D 126 -5.94 19.07 -43.29
CA LYS D 126 -7.21 18.71 -43.93
C LYS D 126 -8.06 17.84 -43.02
N SER D 127 -7.45 17.08 -42.11
CA SER D 127 -8.22 16.27 -41.17
C SER D 127 -9.09 17.10 -40.25
N GLY D 128 -8.83 18.39 -40.11
CA GLY D 128 -9.55 19.22 -39.16
C GLY D 128 -8.90 19.34 -37.81
N THR D 129 -7.61 19.02 -37.69
CA THR D 129 -6.89 19.15 -36.44
C THR D 129 -5.42 19.34 -36.74
N ALA D 130 -4.70 19.89 -35.77
CA ALA D 130 -3.30 20.24 -35.96
C ALA D 130 -2.50 19.83 -34.74
N SER D 131 -1.33 19.23 -34.99
CA SER D 131 -0.40 18.83 -33.96
C SER D 131 0.95 19.46 -34.28
N VAL D 132 1.46 20.26 -33.35
CA VAL D 132 2.81 20.82 -33.43
C VAL D 132 3.70 19.98 -32.52
N VAL D 133 4.88 19.58 -33.02
CA VAL D 133 5.73 18.67 -32.26
C VAL D 133 7.06 19.35 -31.97
N CYS D 134 7.54 19.20 -30.74
CA CYS D 134 8.85 19.68 -30.34
C CYS D 134 9.66 18.49 -29.83
N LEU D 135 10.86 18.35 -30.37
CA LEU D 135 11.73 17.22 -30.06
C LEU D 135 12.99 17.72 -29.36
N LEU D 136 13.26 17.15 -28.18
CA LEU D 136 14.50 17.34 -27.43
C LEU D 136 15.27 16.03 -27.55
N ASN D 137 16.37 16.06 -28.28
CA ASN D 137 17.11 14.84 -28.60
C ASN D 137 18.39 14.74 -27.78
N ASN D 138 18.63 13.52 -27.29
CA ASN D 138 19.87 13.07 -26.66
C ASN D 138 20.44 14.07 -25.66
N PHE D 139 19.87 14.12 -24.46
CA PHE D 139 20.30 15.06 -23.43
C PHE D 139 20.41 14.33 -22.09
N TYR D 140 21.10 14.98 -21.14
CA TYR D 140 21.23 14.49 -19.78
C TYR D 140 21.63 15.65 -18.89
N PRO D 141 21.06 15.78 -17.68
CA PRO D 141 20.09 14.89 -17.02
C PRO D 141 18.69 14.94 -17.62
N ARG D 142 17.78 14.16 -17.03
CA ARG D 142 16.44 14.05 -17.61
C ARG D 142 15.67 15.36 -17.51
N GLU D 143 15.78 16.04 -16.38
CA GLU D 143 14.96 17.21 -16.09
C GLU D 143 15.08 18.26 -17.19
N ALA D 144 13.95 18.57 -17.81
CA ALA D 144 13.88 19.52 -18.90
C ALA D 144 12.55 20.24 -18.84
N LYS D 145 12.56 21.52 -19.19
CA LYS D 145 11.36 22.35 -19.19
C LYS D 145 11.06 22.76 -20.63
N VAL D 146 9.93 22.30 -21.15
CA VAL D 146 9.45 22.73 -22.47
C VAL D 146 8.24 23.63 -22.24
N GLN D 147 8.17 24.71 -23.01
CA GLN D 147 7.18 25.75 -22.75
C GLN D 147 6.78 26.36 -24.09
N TRP D 148 5.51 26.21 -24.44
CA TRP D 148 5.01 26.57 -25.76
C TRP D 148 4.58 28.03 -25.77
N LYS D 149 4.94 28.74 -26.84
CA LYS D 149 4.55 30.14 -27.00
C LYS D 149 3.84 30.27 -28.34
N VAL D 150 2.59 30.73 -28.31
CA VAL D 150 1.82 30.96 -29.52
C VAL D 150 1.63 32.47 -29.64
N ASP D 151 2.31 33.07 -30.62
CA ASP D 151 2.34 34.53 -30.79
C ASP D 151 2.72 35.22 -29.48
N ASN D 152 3.74 34.68 -28.82
CA ASN D 152 4.29 35.13 -27.53
C ASN D 152 3.30 34.98 -26.38
N ALA D 153 2.10 34.46 -26.61
CA ALA D 153 1.24 34.05 -25.51
C ALA D 153 1.74 32.72 -24.98
N LEU D 154 2.22 32.73 -23.74
CA LEU D 154 2.64 31.51 -23.08
C LEU D 154 1.43 30.59 -22.94
N GLN D 155 1.47 29.47 -23.65
CA GLN D 155 0.33 28.60 -23.89
C GLN D 155 0.42 27.39 -22.95
N SER D 156 -0.72 26.98 -22.41
CA SER D 156 -0.71 26.02 -21.31
C SER D 156 -2.00 25.20 -21.28
N GLY D 157 -1.86 23.91 -20.96
CA GLY D 157 -3.01 23.05 -20.77
C GLY D 157 -3.48 22.31 -21.99
N ASN D 158 -2.65 22.19 -23.02
CA ASN D 158 -3.02 21.50 -24.25
C ASN D 158 -1.79 20.89 -24.90
N SER D 159 -0.86 20.42 -24.08
CA SER D 159 0.34 19.77 -24.55
C SER D 159 0.52 18.46 -23.79
N GLN D 160 1.18 17.51 -24.45
CA GLN D 160 1.48 16.23 -23.83
C GLN D 160 2.94 15.92 -24.06
N GLU D 161 3.64 15.51 -23.00
CA GLU D 161 5.02 15.09 -23.12
C GLU D 161 5.13 13.58 -23.06
N SER D 162 6.24 13.08 -23.57
CA SER D 162 6.57 11.66 -23.45
C SER D 162 8.09 11.55 -23.58
N VAL D 163 8.70 10.69 -22.77
CA VAL D 163 10.15 10.60 -22.68
C VAL D 163 10.60 9.15 -22.89
N THR D 164 11.73 8.98 -23.56
CA THR D 164 12.32 7.68 -23.75
C THR D 164 13.01 7.23 -22.45
N GLU D 165 13.23 5.92 -22.35
CA GLU D 165 14.09 5.43 -21.28
C GLU D 165 15.54 5.72 -21.62
N GLN D 166 16.41 5.62 -20.62
CA GLN D 166 17.80 6.01 -20.78
C GLN D 166 18.48 5.12 -21.83
N ASP D 167 19.24 5.76 -22.72
CA ASP D 167 19.84 5.02 -23.82
C ASP D 167 20.90 4.06 -23.31
N SER D 168 20.86 2.83 -23.82
CA SER D 168 21.77 1.79 -23.34
C SER D 168 23.22 2.09 -23.69
N LYS D 169 23.46 2.89 -24.73
CA LYS D 169 24.83 3.12 -25.17
C LYS D 169 25.40 4.41 -24.60
N ASP D 170 24.69 5.53 -24.74
CA ASP D 170 25.23 6.82 -24.31
C ASP D 170 24.45 7.44 -23.14
N SER D 171 23.50 6.71 -22.56
CA SER D 171 22.85 7.09 -21.30
C SER D 171 22.15 8.45 -21.38
N THR D 172 21.68 8.84 -22.57
CA THR D 172 20.93 10.09 -22.69
C THR D 172 19.44 9.81 -22.72
N TYR D 173 18.67 10.90 -22.68
CA TYR D 173 17.23 10.87 -22.79
C TYR D 173 16.80 11.67 -24.01
N SER D 174 15.61 11.34 -24.51
CA SER D 174 14.94 12.14 -25.53
C SER D 174 13.50 12.34 -25.10
N LEU D 175 12.92 13.45 -25.53
CA LEU D 175 11.61 13.86 -25.05
C LEU D 175 10.86 14.55 -26.17
N SER D 176 9.54 14.32 -26.22
CA SER D 176 8.69 14.93 -27.23
C SER D 176 7.54 15.64 -26.54
N SER D 177 7.26 16.87 -26.96
CA SER D 177 6.13 17.65 -26.50
C SER D 177 5.22 17.95 -27.68
N THR D 178 3.96 17.55 -27.57
CA THR D 178 2.98 17.73 -28.65
C THR D 178 1.91 18.71 -28.22
N LEU D 179 1.74 19.77 -29.00
CA LEU D 179 0.71 20.78 -28.78
C LEU D 179 -0.40 20.52 -29.79
N THR D 180 -1.57 20.12 -29.30
CA THR D 180 -2.69 19.76 -30.16
C THR D 180 -3.77 20.84 -30.09
N LEU D 181 -4.32 21.20 -31.26
CA LEU D 181 -5.38 22.19 -31.31
C LEU D 181 -6.12 22.08 -32.63
N SER D 182 -7.36 22.56 -32.63
CA SER D 182 -8.22 22.54 -33.81
C SER D 182 -7.57 23.23 -35.00
N LYS D 183 -8.01 22.90 -36.21
CA LYS D 183 -7.53 23.61 -37.39
C LYS D 183 -7.89 25.09 -37.31
N ALA D 184 -9.09 25.41 -36.80
CA ALA D 184 -9.51 26.80 -36.68
C ALA D 184 -8.60 27.57 -35.74
N ASP D 185 -8.45 27.08 -34.50
CA ASP D 185 -7.56 27.72 -33.54
C ASP D 185 -6.14 27.80 -34.08
N TYR D 186 -5.67 26.75 -34.75
CA TYR D 186 -4.34 26.79 -35.34
C TYR D 186 -4.22 27.94 -36.34
N GLU D 187 -5.24 28.14 -37.16
CA GLU D 187 -5.23 29.22 -38.14
C GLU D 187 -5.43 30.59 -37.52
N LYS D 188 -5.88 30.66 -36.26
CA LYS D 188 -6.05 31.96 -35.62
C LYS D 188 -4.72 32.69 -35.44
N HIS D 189 -3.65 31.97 -35.13
CA HIS D 189 -2.37 32.56 -34.79
C HIS D 189 -1.33 32.29 -35.87
N LYS D 190 -0.18 32.96 -35.74
CA LYS D 190 0.87 32.90 -36.77
C LYS D 190 2.16 32.24 -36.28
N VAL D 191 2.76 32.74 -35.21
CA VAL D 191 4.09 32.30 -34.78
C VAL D 191 3.93 31.21 -33.72
N TYR D 192 4.52 30.04 -33.99
CA TYR D 192 4.49 28.91 -33.07
C TYR D 192 5.90 28.62 -32.62
N ALA D 193 6.14 28.62 -31.30
CA ALA D 193 7.49 28.57 -30.78
C ALA D 193 7.57 27.62 -29.60
N CYS D 194 8.75 27.04 -29.44
CA CYS D 194 9.06 26.06 -28.41
C CYS D 194 10.28 26.55 -27.66
N GLU D 195 10.14 26.75 -26.35
CA GLU D 195 11.24 27.23 -25.54
C GLU D 195 11.67 26.15 -24.56
N VAL D 196 12.96 25.83 -24.57
CA VAL D 196 13.53 24.71 -23.83
C VAL D 196 14.51 25.26 -22.80
N THR D 197 14.32 24.84 -21.55
CA THR D 197 15.19 25.16 -20.43
C THR D 197 15.82 23.86 -19.95
N HIS D 198 17.16 23.82 -19.91
CA HIS D 198 17.88 22.64 -19.49
C HIS D 198 19.19 23.05 -18.84
N GLN D 199 19.70 22.17 -17.98
CA GLN D 199 20.91 22.44 -17.22
C GLN D 199 22.14 22.58 -18.13
N GLY D 200 22.13 21.90 -19.27
CA GLY D 200 23.21 22.03 -20.23
C GLY D 200 23.15 23.25 -21.12
N LEU D 201 22.17 24.14 -20.90
CA LEU D 201 21.99 25.31 -21.75
C LEU D 201 22.20 26.56 -20.90
N SER D 202 23.15 27.39 -21.33
CA SER D 202 23.45 28.66 -20.69
C SER D 202 22.24 29.59 -20.62
N SER D 203 21.27 29.40 -21.49
CA SER D 203 20.12 30.28 -21.67
C SER D 203 19.10 29.50 -22.47
N PRO D 204 17.80 29.68 -22.22
CA PRO D 204 16.81 28.83 -22.88
C PRO D 204 16.87 28.96 -24.40
N VAL D 205 16.71 27.82 -25.07
CA VAL D 205 16.82 27.73 -26.52
C VAL D 205 15.41 27.72 -27.11
N THR D 206 15.17 28.53 -28.14
CA THR D 206 13.85 28.64 -28.74
C THR D 206 13.91 28.26 -30.22
N LYS D 207 12.97 27.39 -30.62
CA LYS D 207 12.79 27.01 -32.01
C LYS D 207 11.37 27.38 -32.43
N SER D 208 11.24 28.07 -33.55
CA SER D 208 9.93 28.59 -33.92
C SER D 208 9.73 28.50 -35.42
N PHE D 209 8.47 28.67 -35.82
CA PHE D 209 8.10 28.69 -37.22
C PHE D 209 6.86 29.57 -37.37
N ASN D 210 6.67 30.10 -38.57
CA ASN D 210 5.49 30.90 -38.88
C ASN D 210 4.51 30.04 -39.66
N ARG D 211 3.25 30.04 -39.23
CA ARG D 211 2.23 29.25 -39.90
C ARG D 211 2.13 29.64 -41.36
N GLY D 212 2.36 28.67 -42.24
CA GLY D 212 2.28 28.92 -43.67
C GLY D 212 3.55 29.51 -44.25
N GLU D 213 4.64 28.76 -44.21
CA GLU D 213 5.89 29.16 -44.85
C GLU D 213 6.66 27.94 -45.34
C1 NAG E . -4.35 -6.87 41.37
C2 NAG E . -5.59 -6.73 42.27
C3 NAG E . -5.82 -5.26 42.66
C4 NAG E . -4.56 -4.67 43.28
C5 NAG E . -3.42 -4.80 42.27
C6 NAG E . -2.11 -4.25 42.77
C7 NAG E . -7.21 -8.52 41.75
C8 NAG E . -8.45 -8.88 41.01
N2 NAG E . -6.78 -7.25 41.60
O3 NAG E . -6.90 -5.17 43.58
O4 NAG E . -4.76 -3.31 43.63
O5 NAG E . -3.21 -6.19 41.97
O6 NAG E . -1.45 -5.16 43.64
O7 NAG E . -6.61 -9.33 42.45
#